data_3NRR
#
_entry.id   3NRR
#
_cell.length_a   51.330
_cell.length_b   83.830
_cell.length_c   83.920
_cell.angle_alpha   119.61
_cell.angle_beta   102.04
_cell.angle_gamma   90.26
#
_symmetry.space_group_name_H-M   'P 1'
#
loop_
_entity.id
_entity.type
_entity.pdbx_description
1 polymer 'Dihydrofolate reductase-thymidylate synthase'
2 non-polymer 'CHLORIDE ION'
3 non-polymer 'NADP NICOTINAMIDE-ADENINE-DINUCLEOTIDE PHOSPHATE'
4 non-polymer TOMUDEX
5 non-polymer "2'-DEOXYURIDINE 5'-MONOPHOSPHATE"
6 non-polymer 1,2-ETHANEDIOL
7 non-polymer GLYCEROL
8 non-polymer 'PHOSPHATE ION'
9 water water
#
_entity_poly.entity_id   1
_entity_poly.type   'polypeptide(L)'
_entity_poly.pdbx_seq_one_letter_code
;GPGSMSNSYEGCGDLTIFVAVALNKVIGHKNQIPWPHITHDFRFLRNGTTYIPPEVLSKNPDIQNVVIFGRKTYESIPKA
SLPLKNRINVILSRTVKEVPGCLVYEDLSTAIRDLRANVPHNKIFILGGSFLYKEVLDNGLCDKIYLTRLNKEYPGDTYF
PDIPDTFEITAISPTFSTDFVSYDFVIYERKDCKTVFPDPPFDQLLMTGTDISVPKPKYVACPGVRIRNHEEFQYLDILA
DVLSHGVLKPNRTGTDAYSKFGYQMRFDLSRSFPLLTTKKVALRSIIEELLWFIKGSTNGNDLLAKNVRIWELNGRRDFL
DKNGFTDREEHDLGPIYGFQWRHFGAEYLDMHADYTGKGIDQLAEIINRIKTNPNDRRLIVCSWNVSDLKKMALPPCHCF
FQFYVSDNKLSCMMHQRSCDLGLGVPFNIASYSILTAMVAQVCGLGLGEFVHNLADAHIYVDHVDAVTTQIARIPHPFPR
LRLNPDIRNIEDFTIDDIVVEDYVSHPPIPMAMSA
;
_entity_poly.pdbx_strand_id   A,B
#
# COMPACT_ATOMS: atom_id res chain seq x y z
N ASN A 7 17.62 30.89 38.94
CA ASN A 7 17.56 31.31 37.51
C ASN A 7 16.34 32.22 37.28
N SER A 8 16.51 33.27 36.46
CA SER A 8 15.41 34.20 36.14
C SER A 8 14.24 33.44 35.54
N TYR A 9 14.56 32.48 34.67
CA TYR A 9 13.54 31.67 33.99
C TYR A 9 13.27 30.31 34.66
N GLU A 10 13.51 30.22 35.97
CA GLU A 10 13.14 29.01 36.72
C GLU A 10 11.64 28.79 36.62
N GLY A 11 11.23 27.60 36.18
CA GLY A 11 9.81 27.22 36.12
C GLY A 11 9.03 27.73 34.92
N CYS A 12 9.73 28.38 33.98
CA CYS A 12 9.12 28.99 32.78
C CYS A 12 9.40 28.24 31.46
N GLY A 13 9.76 26.95 31.54
CA GLY A 13 10.09 26.17 30.34
C GLY A 13 8.91 25.38 29.80
N ASP A 14 9.18 24.59 28.76
CA ASP A 14 8.16 23.77 28.09
C ASP A 14 7.01 24.63 27.59
N LEU A 15 7.36 25.72 26.93
CA LEU A 15 6.40 26.56 26.24
C LEU A 15 6.33 26.05 24.78
N THR A 16 5.15 26.06 24.19
CA THR A 16 4.98 25.56 22.84
C THR A 16 4.66 26.71 21.91
N ILE A 17 5.44 26.83 20.84
CA ILE A 17 5.23 27.86 19.82
C ILE A 17 4.37 27.37 18.68
N PHE A 18 3.42 28.21 18.30
CA PHE A 18 2.83 28.16 16.96
C PHE A 18 3.26 29.40 16.18
N VAL A 19 3.57 29.21 14.91
CA VAL A 19 3.96 30.29 14.01
C VAL A 19 3.85 29.82 12.54
N ALA A 20 3.68 30.80 11.63
CA ALA A 20 3.67 30.56 10.15
C ALA A 20 4.75 31.44 9.60
N VAL A 21 5.64 30.86 8.78
CA VAL A 21 6.87 31.54 8.38
C VAL A 21 7.11 31.44 6.89
N ALA A 22 7.39 32.58 6.27
CA ALA A 22 7.69 32.65 4.85
C ALA A 22 9.13 32.16 4.60
N LEU A 23 9.44 31.90 3.34
CA LEU A 23 10.74 31.40 2.94
C LEU A 23 11.90 32.29 3.36
N ASN A 24 11.66 33.61 3.40
CA ASN A 24 12.65 34.58 3.82
C ASN A 24 12.62 34.89 5.34
N LYS A 25 11.89 34.08 6.10
CA LYS A 25 11.74 34.15 7.55
C LYS A 25 10.79 35.24 8.03
N VAL A 26 10.13 35.93 7.10
CA VAL A 26 9.19 36.99 7.44
C VAL A 26 7.92 36.39 8.04
N ILE A 27 7.45 37.01 9.13
CA ILE A 27 6.18 36.68 9.78
C ILE A 27 5.16 37.83 9.85
N GLY A 28 5.61 39.07 9.67
CA GLY A 28 4.75 40.24 9.80
C GLY A 28 5.15 41.38 8.86
N HIS A 29 4.18 42.21 8.49
CA HIS A 29 4.40 43.33 7.58
C HIS A 29 3.39 44.36 7.94
N LYS A 30 3.85 45.57 8.31
CA LYS A 30 2.96 46.66 8.72
C LYS A 30 1.92 46.23 9.80
N ASN A 31 2.40 45.53 10.80
CA ASN A 31 1.56 44.92 11.86
C ASN A 31 0.39 44.03 11.38
N GLN A 32 0.57 43.37 10.24
CA GLN A 32 -0.39 42.42 9.71
C GLN A 32 0.35 41.16 9.22
N ILE A 33 -0.40 40.10 8.92
CA ILE A 33 0.15 38.95 8.24
C ILE A 33 0.58 39.35 6.81
N PRO A 34 1.79 38.94 6.37
CA PRO A 34 2.34 39.47 5.11
C PRO A 34 1.71 38.86 3.85
N TRP A 35 1.05 37.73 3.99
CA TRP A 35 0.50 37.00 2.85
C TRP A 35 -1.00 37.04 2.89
N PRO A 36 -1.65 36.74 1.76
CA PRO A 36 -3.11 36.61 1.81
C PRO A 36 -3.53 35.55 2.84
N HIS A 37 -4.69 35.77 3.46
CA HIS A 37 -5.29 34.90 4.46
C HIS A 37 -5.33 33.42 3.99
N ILE A 38 -4.78 32.50 4.80
CA ILE A 38 -4.89 31.05 4.56
C ILE A 38 -5.80 30.53 5.68
N THR A 39 -7.09 30.43 5.41
CA THR A 39 -8.08 29.99 6.40
C THR A 39 -7.68 28.64 7.01
N HIS A 40 -7.15 27.76 6.17
CA HIS A 40 -6.67 26.44 6.60
C HIS A 40 -5.66 26.54 7.72
N ASP A 41 -4.75 27.50 7.62
CA ASP A 41 -3.69 27.68 8.60
C ASP A 41 -4.27 28.19 9.92
N PHE A 42 -5.25 29.10 9.83
CA PHE A 42 -5.91 29.55 11.05
C PHE A 42 -6.69 28.44 11.75
N ARG A 43 -7.30 27.52 10.98
CA ARG A 43 -8.02 26.40 11.56
C ARG A 43 -7.00 25.50 12.27
N PHE A 44 -5.81 25.40 11.71
CA PHE A 44 -4.78 24.61 12.28
C PHE A 44 -4.28 25.20 13.63
N LEU A 45 -4.01 26.50 13.67
CA LEU A 45 -3.69 27.20 14.91
C LEU A 45 -4.77 26.96 15.96
N ARG A 46 -6.01 27.20 15.58
CA ARG A 46 -7.14 27.09 16.51
C ARG A 46 -7.29 25.67 17.08
N ASN A 47 -7.25 24.68 16.20
CA ASN A 47 -7.34 23.29 16.66
C ASN A 47 -6.16 22.95 17.56
N GLY A 48 -4.97 23.42 17.17
CA GLY A 48 -3.75 23.10 17.89
C GLY A 48 -3.74 23.69 19.29
N THR A 49 -4.27 24.90 19.42
CA THR A 49 -4.17 25.66 20.66
C THR A 49 -5.35 25.43 21.60
N THR A 50 -6.42 24.79 21.13
CA THR A 50 -7.60 24.56 21.92
C THR A 50 -7.78 23.10 22.34
N TYR A 51 -6.92 22.19 21.91
CA TYR A 51 -7.07 20.78 22.30
C TYR A 51 -6.77 20.55 23.78
N ILE A 52 -7.68 19.85 24.47
CA ILE A 52 -7.44 19.34 25.82
C ILE A 52 -7.56 17.81 25.79
N PRO A 53 -6.54 17.09 26.34
CA PRO A 53 -6.65 15.63 26.32
C PRO A 53 -7.93 15.17 27.00
N PRO A 54 -8.59 14.11 26.48
CA PRO A 54 -9.89 13.70 27.01
C PRO A 54 -9.89 13.40 28.50
N GLU A 55 -8.83 12.79 29.01
CA GLU A 55 -8.72 12.45 30.43
C GLU A 55 -8.69 13.70 31.29
N VAL A 56 -7.92 14.70 30.85
CA VAL A 56 -7.84 15.99 31.56
C VAL A 56 -9.19 16.72 31.55
N LEU A 57 -9.85 16.79 30.40
CA LEU A 57 -11.12 17.51 30.26
C LEU A 57 -12.28 16.89 31.08
N SER A 58 -12.27 15.56 31.24
CA SER A 58 -13.28 14.91 32.07
C SER A 58 -13.11 15.22 33.56
N LYS A 59 -11.88 15.36 34.02
CA LYS A 59 -11.57 15.69 35.42
C LYS A 59 -11.80 17.19 35.75
N ASN A 60 -11.37 18.08 34.86
CA ASN A 60 -11.69 19.53 34.97
C ASN A 60 -12.38 20.01 33.68
N PRO A 61 -13.71 19.85 33.59
CA PRO A 61 -14.40 20.12 32.32
C PRO A 61 -14.31 21.56 31.80
N ASP A 62 -14.01 22.53 32.67
CA ASP A 62 -13.94 23.94 32.27
C ASP A 62 -12.51 24.40 31.92
N ILE A 63 -11.57 23.47 31.96
CA ILE A 63 -10.16 23.81 31.77
C ILE A 63 -9.88 24.29 30.34
N GLN A 64 -8.93 25.22 30.22
CA GLN A 64 -8.54 25.77 28.95
C GLN A 64 -7.02 25.89 28.89
N ASN A 65 -6.52 26.00 27.68
CA ASN A 65 -5.10 26.30 27.42
C ASN A 65 -4.93 27.78 27.48
N VAL A 66 -3.67 28.19 27.61
CA VAL A 66 -3.30 29.61 27.64
C VAL A 66 -2.59 29.98 26.31
N VAL A 67 -2.93 31.14 25.75
CA VAL A 67 -2.21 31.72 24.60
C VAL A 67 -1.59 33.06 25.01
N ILE A 68 -0.29 33.19 24.81
CA ILE A 68 0.48 34.39 25.20
C ILE A 68 1.01 35.08 23.96
N PHE A 69 0.76 36.39 23.88
CA PHE A 69 1.35 37.19 22.82
C PHE A 69 1.74 38.57 23.25
N GLY A 70 2.56 39.18 22.42
CA GLY A 70 3.01 40.55 22.63
C GLY A 70 1.90 41.52 22.29
N ARG A 71 2.05 42.76 22.72
CA ARG A 71 1.01 43.76 22.56
C ARG A 71 0.73 44.04 21.09
N LYS A 72 1.76 44.04 20.27
CA LYS A 72 1.55 44.37 18.87
C LYS A 72 0.79 43.27 18.17
N THR A 73 1.10 42.04 18.50
CA THR A 73 0.34 40.93 17.90
C THR A 73 -1.13 40.98 18.34
N TYR A 74 -1.39 41.31 19.60
CA TYR A 74 -2.79 41.49 20.04
C TYR A 74 -3.49 42.57 19.21
N GLU A 75 -2.80 43.68 18.98
CA GLU A 75 -3.36 44.75 18.15
C GLU A 75 -3.57 44.34 16.68
N SER A 76 -2.85 43.32 16.23
CA SER A 76 -2.94 42.84 14.83
C SER A 76 -4.11 41.90 14.58
N ILE A 77 -4.80 41.48 15.65
CA ILE A 77 -5.94 40.57 15.52
C ILE A 77 -7.25 41.37 15.40
N PRO A 78 -8.12 40.98 14.46
CA PRO A 78 -9.39 41.68 14.29
C PRO A 78 -10.14 41.74 15.62
N LYS A 79 -10.68 42.90 15.97
CA LYS A 79 -11.23 43.17 17.30
C LYS A 79 -12.39 42.24 17.65
N ALA A 80 -13.14 41.82 16.64
CA ALA A 80 -14.31 40.95 16.82
C ALA A 80 -13.90 39.52 17.24
N SER A 81 -12.64 39.16 16.99
CA SER A 81 -12.13 37.83 17.33
C SER A 81 -11.42 37.76 18.68
N LEU A 82 -11.37 38.89 19.38
CA LEU A 82 -10.65 39.04 20.64
C LEU A 82 -11.58 39.17 21.84
N PRO A 83 -11.26 38.49 22.95
CA PRO A 83 -10.15 37.54 23.15
C PRO A 83 -10.37 36.23 22.40
N LEU A 84 -9.30 35.57 21.98
CA LEU A 84 -9.41 34.30 21.24
C LEU A 84 -10.23 33.29 22.06
N LYS A 85 -11.23 32.67 21.42
CA LYS A 85 -12.26 31.91 22.13
C LYS A 85 -11.73 30.61 22.70
N ASN A 86 -12.23 30.25 23.89
CA ASN A 86 -11.92 28.96 24.51
C ASN A 86 -10.49 28.85 25.04
N ARG A 87 -9.82 29.98 25.17
CA ARG A 87 -8.45 30.01 25.67
C ARG A 87 -8.27 31.23 26.55
N ILE A 88 -7.40 31.10 27.55
CA ILE A 88 -7.00 32.19 28.41
C ILE A 88 -6.01 33.04 27.61
N ASN A 89 -6.33 34.30 27.35
CA ASN A 89 -5.44 35.17 26.57
C ASN A 89 -4.57 36.00 27.50
N VAL A 90 -3.26 35.95 27.26
CA VAL A 90 -2.29 36.65 28.06
C VAL A 90 -1.48 37.60 27.18
N ILE A 91 -1.39 38.87 27.56
CA ILE A 91 -0.67 39.84 26.76
C ILE A 91 0.49 40.36 27.59
N LEU A 92 1.66 40.46 26.98
CA LEU A 92 2.82 41.05 27.66
C LEU A 92 3.01 42.50 27.19
N SER A 93 3.19 43.41 28.14
CA SER A 93 3.36 44.83 27.85
C SER A 93 3.94 45.53 29.06
N ARG A 94 4.78 46.53 28.81
CA ARG A 94 5.26 47.42 29.87
C ARG A 94 4.61 48.79 29.79
N THR A 95 3.70 48.96 28.84
CA THR A 95 3.00 50.24 28.68
C THR A 95 1.50 50.18 28.97
N VAL A 96 0.86 49.03 28.72
CA VAL A 96 -0.57 48.86 29.02
C VAL A 96 -0.78 47.93 30.23
N LYS A 97 -1.68 48.33 31.11
CA LYS A 97 -1.97 47.60 32.35
C LYS A 97 -3.19 46.66 32.22
N GLU A 98 -4.13 47.02 31.36
CA GLU A 98 -5.39 46.28 31.30
C GLU A 98 -5.93 46.21 29.87
N VAL A 99 -6.37 45.01 29.50
CA VAL A 99 -6.94 44.74 28.20
C VAL A 99 -8.16 43.86 28.42
N PRO A 100 -9.33 44.24 27.85
CA PRO A 100 -10.56 43.51 28.07
C PRO A 100 -10.47 42.01 27.79
N GLY A 101 -10.84 41.22 28.80
CA GLY A 101 -10.90 39.77 28.68
C GLY A 101 -9.56 39.07 28.69
N CYS A 102 -8.47 39.81 28.95
CA CYS A 102 -7.13 39.22 28.99
C CYS A 102 -6.41 39.46 30.30
N LEU A 103 -5.43 38.60 30.60
CA LEU A 103 -4.45 38.87 31.65
C LEU A 103 -3.29 39.63 31.03
N VAL A 104 -2.71 40.56 31.78
CA VAL A 104 -1.59 41.37 31.31
C VAL A 104 -0.44 41.25 32.29
N TYR A 105 0.75 40.97 31.78
CA TYR A 105 1.99 40.96 32.57
C TYR A 105 3.09 41.81 31.90
N GLU A 106 4.06 42.24 32.71
CA GLU A 106 5.15 43.09 32.26
C GLU A 106 6.31 42.29 31.70
N ASP A 107 6.45 41.04 32.12
CA ASP A 107 7.40 40.15 31.45
C ASP A 107 7.00 38.70 31.50
N LEU A 108 7.67 37.91 30.67
CA LEU A 108 7.31 36.52 30.46
C LEU A 108 7.47 35.67 31.71
N SER A 109 8.60 35.83 32.40
CA SER A 109 8.91 34.97 33.56
C SER A 109 7.89 35.13 34.69
N THR A 110 7.59 36.39 35.04
CA THR A 110 6.49 36.70 35.94
C THR A 110 5.19 36.00 35.53
N ALA A 111 4.81 36.15 34.27
CA ALA A 111 3.54 35.61 33.74
C ALA A 111 3.45 34.08 33.83
N ILE A 112 4.47 33.38 33.33
CA ILE A 112 4.48 31.91 33.40
C ILE A 112 4.39 31.42 34.84
N ARG A 113 5.22 31.99 35.71
CA ARG A 113 5.17 31.63 37.14
C ARG A 113 3.80 31.90 37.77
N ASP A 114 3.24 33.07 37.51
CA ASP A 114 1.93 33.42 38.06
C ASP A 114 0.88 32.44 37.56
N LEU A 115 0.91 32.15 36.26
CA LEU A 115 -0.05 31.24 35.64
C LEU A 115 -0.01 29.83 36.20
N ARG A 116 1.20 29.29 36.33
CA ARG A 116 1.37 27.89 36.77
C ARG A 116 1.09 27.71 38.27
N ALA A 117 1.20 28.79 39.06
CA ALA A 117 0.91 28.70 40.49
C ALA A 117 -0.55 29.00 40.82
N ASN A 118 -1.15 29.95 40.10
CA ASN A 118 -2.42 30.57 40.53
C ASN A 118 -3.61 30.54 39.54
N VAL A 119 -3.37 30.22 38.27
CA VAL A 119 -4.39 30.23 37.21
C VAL A 119 -4.54 28.84 36.60
N PRO A 120 -5.44 28.02 37.17
CA PRO A 120 -5.56 26.67 36.61
C PRO A 120 -5.74 26.68 35.09
N HIS A 121 -4.97 25.85 34.40
CA HIS A 121 -5.01 25.75 32.94
C HIS A 121 -4.40 24.42 32.52
N ASN A 122 -4.46 24.11 31.22
CA ASN A 122 -3.84 22.88 30.72
C ASN A 122 -2.42 23.12 30.22
N LYS A 123 -2.29 23.80 29.07
CA LYS A 123 -1.01 23.96 28.41
C LYS A 123 -0.84 25.41 27.96
N ILE A 124 0.40 25.88 27.94
CA ILE A 124 0.73 27.25 27.54
C ILE A 124 1.30 27.29 26.13
N PHE A 125 0.68 28.12 25.27
CA PHE A 125 1.18 28.38 23.92
C PHE A 125 1.70 29.81 23.71
N ILE A 126 2.75 29.92 22.90
CA ILE A 126 3.41 31.19 22.56
C ILE A 126 3.05 31.52 21.09
N LEU A 127 2.34 32.65 20.90
CA LEU A 127 1.81 33.07 19.61
C LEU A 127 2.44 34.40 19.14
N GLY A 128 3.67 34.69 19.57
CA GLY A 128 4.44 35.80 19.00
C GLY A 128 4.16 37.14 19.66
N GLY A 129 4.81 38.21 19.19
CA GLY A 129 5.64 38.20 18.00
C GLY A 129 7.10 37.90 18.25
N SER A 130 7.95 38.53 17.45
CA SER A 130 9.37 38.22 17.47
C SER A 130 10.07 38.57 18.77
N PHE A 131 9.61 39.61 19.45
CA PHE A 131 10.13 39.94 20.77
C PHE A 131 9.94 38.67 21.62
N LEU A 132 8.72 38.16 21.68
CA LEU A 132 8.43 36.94 22.46
C LEU A 132 9.07 35.65 21.94
N TYR A 133 9.00 35.43 20.63
CA TYR A 133 9.63 34.28 20.08
C TYR A 133 11.14 34.29 20.38
N LYS A 134 11.76 35.46 20.25
CA LYS A 134 13.23 35.62 20.43
C LYS A 134 13.53 35.29 21.89
N GLU A 135 12.82 35.92 22.81
CA GLU A 135 13.05 35.64 24.24
C GLU A 135 12.89 34.17 24.56
N VAL A 136 11.90 33.51 23.96
CA VAL A 136 11.56 32.13 24.32
C VAL A 136 12.63 31.18 23.79
N LEU A 137 13.06 31.45 22.56
CA LEU A 137 14.10 30.66 21.92
C LEU A 137 15.47 30.97 22.51
N ASP A 138 15.83 32.25 22.68
CA ASP A 138 17.18 32.61 23.20
C ASP A 138 17.43 31.99 24.59
N ASN A 139 16.36 31.74 25.35
CA ASN A 139 16.47 31.23 26.72
C ASN A 139 16.08 29.76 26.98
N GLY A 140 15.90 28.97 25.93
CA GLY A 140 15.69 27.52 26.06
C GLY A 140 14.34 27.08 26.63
N LEU A 141 13.34 27.93 26.48
CA LEU A 141 12.05 27.76 27.16
C LEU A 141 11.03 26.94 26.38
N CYS A 142 11.35 26.70 25.11
CA CYS A 142 10.43 26.02 24.21
C CYS A 142 10.97 24.66 23.86
N ASP A 143 10.14 23.64 23.99
CA ASP A 143 10.51 22.25 23.69
C ASP A 143 9.80 21.71 22.44
N LYS A 144 8.86 22.47 21.89
CA LYS A 144 8.15 22.05 20.68
C LYS A 144 7.64 23.25 19.87
N ILE A 145 7.78 23.20 18.54
CA ILE A 145 7.37 24.30 17.67
C ILE A 145 6.46 23.72 16.61
N TYR A 146 5.24 24.26 16.50
CA TYR A 146 4.33 23.94 15.40
C TYR A 146 4.49 25.06 14.40
N LEU A 147 5.01 24.74 13.22
CA LEU A 147 5.45 25.75 12.26
C LEU A 147 4.82 25.46 10.90
N THR A 148 4.17 26.47 10.31
CA THR A 148 3.64 26.36 8.96
C THR A 148 4.65 26.94 8.01
N ARG A 149 5.12 26.09 7.10
CA ARG A 149 6.16 26.51 6.14
C ARG A 149 5.49 26.98 4.86
N LEU A 150 5.73 28.24 4.49
CA LEU A 150 5.30 28.79 3.19
C LEU A 150 6.50 28.84 2.20
N ASN A 151 6.29 28.34 0.97
CA ASN A 151 7.38 28.17 -0.02
C ASN A 151 7.61 29.42 -0.85
N LYS A 152 7.30 30.58 -0.28
CA LYS A 152 7.42 31.82 -1.03
C LYS A 152 8.00 32.87 -0.12
N GLU A 153 8.77 33.79 -0.69
CA GLU A 153 9.21 34.99 0.05
C GLU A 153 8.12 36.05 0.03
N TYR A 154 7.95 36.77 1.15
CA TYR A 154 7.00 37.88 1.25
C TYR A 154 7.69 39.12 1.80
N PRO A 155 7.27 40.31 1.33
CA PRO A 155 7.74 41.55 1.92
C PRO A 155 7.37 41.59 3.39
N GLY A 156 8.29 42.06 4.21
CA GLY A 156 8.01 42.03 5.64
C GLY A 156 9.00 42.85 6.42
N ASP A 157 8.66 43.08 7.68
CA ASP A 157 9.50 43.84 8.59
C ASP A 157 9.69 43.14 9.96
N THR A 158 9.03 41.99 10.13
CA THR A 158 9.02 41.20 11.39
C THR A 158 9.42 39.77 10.99
N TYR A 159 10.40 39.22 11.70
CA TYR A 159 11.03 37.96 11.31
C TYR A 159 11.04 36.90 12.41
N PHE A 160 10.84 35.64 12.03
CA PHE A 160 10.99 34.53 12.98
C PHE A 160 12.47 34.24 13.21
N PRO A 161 12.89 34.15 14.49
CA PRO A 161 14.29 33.90 14.77
C PRO A 161 14.77 32.54 14.27
N ASP A 162 16.07 32.38 14.09
CA ASP A 162 16.60 31.09 13.66
C ASP A 162 16.28 30.03 14.74
N ILE A 163 15.85 28.85 14.32
CA ILE A 163 15.59 27.75 15.25
C ILE A 163 16.96 27.13 15.53
N PRO A 164 17.36 26.96 16.79
CA PRO A 164 18.67 26.36 17.11
C PRO A 164 18.81 24.91 16.66
N ASP A 165 20.05 24.49 16.42
CA ASP A 165 20.29 23.14 15.92
C ASP A 165 20.02 22.05 16.98
N THR A 166 19.60 22.46 18.17
CA THR A 166 19.11 21.54 19.18
C THR A 166 17.72 20.99 18.85
N PHE A 167 17.02 21.62 17.90
CA PHE A 167 15.73 21.12 17.43
C PHE A 167 15.86 20.32 16.16
N GLU A 168 14.91 19.40 15.96
CA GLU A 168 14.79 18.63 14.72
C GLU A 168 13.35 18.56 14.36
N ILE A 169 13.10 18.39 13.05
CA ILE A 169 11.76 18.15 12.56
C ILE A 169 11.37 16.68 12.84
N THR A 170 10.24 16.50 13.49
CA THR A 170 9.73 15.17 13.88
C THR A 170 8.37 14.82 13.22
N ALA A 171 7.76 15.79 12.55
CA ALA A 171 6.45 15.63 11.91
C ALA A 171 6.35 16.53 10.71
N ILE A 172 5.80 16.00 9.60
CA ILE A 172 5.53 16.80 8.40
C ILE A 172 4.18 16.35 7.83
N SER A 173 3.29 17.31 7.61
CA SER A 173 2.00 17.08 7.03
C SER A 173 2.10 16.85 5.50
N PRO A 174 0.99 16.44 4.86
CA PRO A 174 0.97 16.51 3.40
C PRO A 174 1.16 17.98 2.98
N THR A 175 1.57 18.21 1.75
CA THR A 175 1.70 19.57 1.19
C THR A 175 0.31 20.05 0.75
N PHE A 176 0.02 21.30 1.03
CA PHE A 176 -1.26 21.92 0.67
C PHE A 176 -0.94 23.14 -0.19
N SER A 177 -1.96 23.71 -0.81
CA SER A 177 -1.77 24.87 -1.61
C SER A 177 -3.05 25.68 -1.72
N THR A 178 -2.82 26.99 -1.84
CA THR A 178 -3.84 27.93 -2.24
C THR A 178 -3.51 28.33 -3.67
N ASP A 179 -4.24 29.26 -4.26
CA ASP A 179 -3.83 29.73 -5.59
C ASP A 179 -2.64 30.71 -5.56
N PHE A 180 -2.14 31.05 -4.36
CA PHE A 180 -1.03 31.99 -4.24
C PHE A 180 0.23 31.46 -3.52
N VAL A 181 0.14 30.28 -2.92
CA VAL A 181 1.33 29.69 -2.25
C VAL A 181 1.15 28.19 -1.95
N SER A 182 2.29 27.47 -1.91
CA SER A 182 2.25 26.11 -1.38
CA SER A 182 2.39 26.10 -1.44
C SER A 182 2.85 26.11 0.02
N TYR A 183 2.37 25.18 0.85
CA TYR A 183 2.67 25.19 2.27
C TYR A 183 2.44 23.84 2.91
N ASP A 184 3.06 23.64 4.07
CA ASP A 184 2.74 22.52 4.91
C ASP A 184 2.93 22.86 6.40
N PHE A 185 2.65 21.86 7.23
CA PHE A 185 2.76 21.97 8.67
C PHE A 185 3.82 21.03 9.15
N VAL A 186 4.72 21.52 9.97
CA VAL A 186 5.72 20.69 10.59
C VAL A 186 5.77 20.86 12.12
N ILE A 187 6.41 19.88 12.77
CA ILE A 187 6.73 19.95 14.20
C ILE A 187 8.19 19.83 14.39
N TYR A 188 8.77 20.76 15.15
CA TYR A 188 10.13 20.66 15.61
C TYR A 188 10.11 20.29 17.10
N GLU A 189 11.09 19.49 17.54
CA GLU A 189 11.27 19.12 18.95
C GLU A 189 12.74 19.03 19.27
N ARG A 190 13.05 19.11 20.56
CA ARG A 190 14.43 18.96 21.02
C ARG A 190 14.96 17.54 20.85
N LYS A 191 16.18 17.39 20.37
CA LYS A 191 16.76 16.06 20.21
C LYS A 191 16.84 15.33 21.56
N ASP A 192 17.40 15.99 22.56
CA ASP A 192 17.38 15.46 23.92
C ASP A 192 15.96 15.37 24.46
N ASP A 199 7.52 0.13 22.51
CA ASP A 199 7.66 -0.92 21.48
C ASP A 199 6.34 -1.66 21.26
N PRO A 200 6.20 -2.38 20.13
CA PRO A 200 4.94 -3.06 19.82
C PRO A 200 4.68 -4.26 20.73
N PRO A 201 3.41 -4.52 21.07
CA PRO A 201 3.07 -5.67 21.94
C PRO A 201 3.58 -7.00 21.37
N PHE A 202 3.89 -7.95 22.25
CA PHE A 202 4.48 -9.22 21.81
C PHE A 202 3.60 -9.96 20.80
N ASP A 203 2.28 -9.92 20.99
CA ASP A 203 1.38 -10.61 20.06
C ASP A 203 1.60 -10.15 18.61
N GLN A 204 1.95 -8.87 18.42
CA GLN A 204 2.23 -8.37 17.07
C GLN A 204 3.39 -9.14 16.44
N LEU A 205 4.45 -9.36 17.22
CA LEU A 205 5.61 -10.08 16.73
C LEU A 205 5.35 -11.58 16.53
N LEU A 206 4.66 -12.19 17.49
CA LEU A 206 4.28 -13.58 17.43
C LEU A 206 3.39 -13.91 16.25
N MET A 207 2.38 -13.10 16.01
CA MET A 207 1.37 -13.37 15.00
C MET A 207 1.79 -13.00 13.56
N THR A 208 3.04 -12.60 13.34
CA THR A 208 3.59 -12.52 12.01
C THR A 208 3.90 -13.95 11.53
N GLY A 209 4.14 -14.84 12.48
CA GLY A 209 4.56 -16.17 12.18
C GLY A 209 6.00 -16.29 11.76
N THR A 210 6.78 -15.21 11.85
CA THR A 210 8.20 -15.20 11.43
C THR A 210 9.07 -14.75 12.61
N ASP A 211 10.38 -14.61 12.37
CA ASP A 211 11.33 -14.45 13.47
C ASP A 211 10.91 -13.26 14.32
N ILE A 212 10.81 -13.48 15.63
CA ILE A 212 10.36 -12.44 16.54
C ILE A 212 11.44 -11.34 16.78
N SER A 213 12.70 -11.64 16.46
CA SER A 213 13.78 -10.67 16.48
C SER A 213 14.35 -10.51 15.06
N VAL A 214 13.85 -9.50 14.35
CA VAL A 214 14.27 -9.21 12.97
C VAL A 214 15.35 -8.12 12.92
N PRO A 215 16.44 -8.36 12.17
CA PRO A 215 17.39 -7.26 12.00
C PRO A 215 16.66 -6.08 11.40
N LYS A 216 16.77 -4.92 12.04
CA LYS A 216 16.09 -3.74 11.57
C LYS A 216 16.77 -3.29 10.26
N PRO A 217 16.05 -2.55 9.41
CA PRO A 217 16.60 -2.18 8.08
C PRO A 217 17.90 -1.38 8.10
N LYS A 218 18.85 -1.71 7.23
CA LYS A 218 20.10 -0.98 7.16
C LYS A 218 19.95 0.49 6.77
N TYR A 219 18.95 0.81 5.94
CA TYR A 219 18.72 2.21 5.50
C TYR A 219 17.30 2.64 5.89
N VAL A 220 17.19 3.84 6.46
CA VAL A 220 15.91 4.43 6.82
C VAL A 220 15.97 5.88 6.40
N ALA A 221 15.02 6.29 5.58
CA ALA A 221 14.86 7.68 5.20
C ALA A 221 14.48 8.56 6.42
N CYS A 222 15.13 9.71 6.58
CA CYS A 222 14.82 10.75 7.60
C CYS A 222 14.39 10.17 8.92
N PRO A 223 15.30 9.44 9.59
CA PRO A 223 14.90 8.61 10.66
C PRO A 223 14.33 9.38 11.89
N GLY A 224 14.62 10.69 11.98
CA GLY A 224 14.08 11.55 13.04
C GLY A 224 12.61 12.00 12.80
N VAL A 225 12.09 11.81 11.60
CA VAL A 225 10.70 12.19 11.30
C VAL A 225 9.78 11.00 11.65
N ARG A 226 8.97 11.19 12.70
CA ARG A 226 8.06 10.18 13.19
C ARG A 226 6.69 10.20 12.50
N ILE A 227 6.13 11.39 12.27
CA ILE A 227 4.86 11.51 11.56
C ILE A 227 5.20 11.91 10.09
N ARG A 228 4.96 10.99 9.16
CA ARG A 228 5.59 11.07 7.82
C ARG A 228 4.55 11.18 6.73
N ASN A 229 3.83 12.30 6.74
CA ASN A 229 2.67 12.47 5.87
C ASN A 229 2.95 13.24 4.55
N HIS A 230 4.13 13.85 4.39
CA HIS A 230 4.57 14.38 3.10
C HIS A 230 4.56 13.21 2.08
N GLU A 231 3.96 13.40 0.91
CA GLU A 231 3.94 12.32 -0.11
C GLU A 231 5.33 11.89 -0.58
N GLU A 232 6.32 12.75 -0.41
CA GLU A 232 7.66 12.41 -0.88
C GLU A 232 8.25 11.29 -0.06
N PHE A 233 7.78 11.08 1.16
CA PHE A 233 8.23 9.90 1.93
C PHE A 233 7.92 8.57 1.25
N GLN A 234 6.87 8.54 0.43
CA GLN A 234 6.61 7.30 -0.34
C GLN A 234 7.84 6.93 -1.16
N TYR A 235 8.40 7.93 -1.86
CA TYR A 235 9.57 7.73 -2.69
C TYR A 235 10.82 7.42 -1.87
N LEU A 236 11.05 8.20 -0.81
CA LEU A 236 12.24 8.02 0.00
C LEU A 236 12.22 6.65 0.70
N ASP A 237 11.03 6.22 1.11
CA ASP A 237 10.86 4.92 1.79
C ASP A 237 11.19 3.78 0.83
N ILE A 238 10.79 3.98 -0.43
CA ILE A 238 11.12 3.03 -1.51
C ILE A 238 12.61 2.94 -1.76
N LEU A 239 13.28 4.09 -1.89
CA LEU A 239 14.73 4.07 -1.98
C LEU A 239 15.35 3.32 -0.80
N ALA A 240 14.92 3.64 0.43
CA ALA A 240 15.51 2.95 1.59
C ALA A 240 15.22 1.44 1.60
N ASP A 241 14.03 1.08 1.13
CA ASP A 241 13.58 -0.33 1.08
C ASP A 241 14.40 -1.17 0.09
N VAL A 242 14.66 -0.61 -1.08
CA VAL A 242 15.47 -1.30 -2.09
C VAL A 242 16.90 -1.44 -1.61
N LEU A 243 17.47 -0.37 -1.06
CA LEU A 243 18.80 -0.47 -0.47
C LEU A 243 18.86 -1.48 0.65
N SER A 244 17.81 -1.53 1.47
CA SER A 244 17.79 -2.47 2.62
C SER A 244 17.55 -3.95 2.28
N HIS A 245 16.68 -4.20 1.30
CA HIS A 245 16.11 -5.53 1.04
C HIS A 245 16.14 -5.98 -0.41
N GLY A 246 16.60 -5.12 -1.31
CA GLY A 246 16.67 -5.45 -2.71
C GLY A 246 17.77 -6.47 -2.98
N VAL A 247 17.58 -7.22 -4.06
CA VAL A 247 18.56 -8.19 -4.47
C VAL A 247 19.46 -7.57 -5.54
N LEU A 248 20.76 -7.74 -5.39
CA LEU A 248 21.70 -7.25 -6.38
C LEU A 248 21.61 -8.18 -7.57
N LYS A 249 21.32 -7.62 -8.73
CA LYS A 249 21.16 -8.42 -9.93
C LYS A 249 21.84 -7.76 -11.12
N PRO A 250 22.47 -8.59 -11.99
CA PRO A 250 22.91 -8.11 -13.28
C PRO A 250 21.70 -7.67 -14.10
N ASN A 251 21.95 -6.90 -15.14
CA ASN A 251 20.89 -6.45 -16.02
C ASN A 251 21.50 -6.07 -17.35
N ARG A 252 20.64 -5.68 -18.27
CA ARG A 252 21.01 -5.31 -19.63
C ARG A 252 22.14 -4.29 -19.71
N THR A 253 22.19 -3.34 -18.79
CA THR A 253 23.13 -2.23 -18.92
C THR A 253 24.57 -2.62 -18.66
N GLY A 254 24.80 -3.71 -17.94
CA GLY A 254 26.21 -3.97 -17.57
C GLY A 254 26.67 -3.30 -16.27
N THR A 255 25.86 -2.41 -15.69
CA THR A 255 26.02 -2.01 -14.29
C THR A 255 24.93 -2.68 -13.47
N ASP A 256 25.31 -3.40 -12.43
CA ASP A 256 24.35 -4.15 -11.63
C ASP A 256 23.47 -3.17 -10.85
N ALA A 257 22.31 -3.65 -10.42
CA ALA A 257 21.39 -2.86 -9.60
C ALA A 257 20.70 -3.67 -8.50
N TYR A 258 20.46 -3.02 -7.38
CA TYR A 258 19.58 -3.54 -6.32
C TYR A 258 18.14 -3.37 -6.74
N SER A 259 17.37 -4.45 -6.63
CA SER A 259 16.06 -4.54 -7.19
C SER A 259 15.05 -5.16 -6.24
N LYS A 260 13.83 -4.64 -6.27
CA LYS A 260 12.71 -5.23 -5.56
C LYS A 260 11.49 -4.97 -6.42
N PHE A 261 10.46 -5.79 -6.28
CA PHE A 261 9.32 -5.79 -7.19
C PHE A 261 8.03 -5.39 -6.47
N GLY A 262 7.33 -4.47 -7.09
CA GLY A 262 5.95 -4.13 -6.77
C GLY A 262 5.82 -3.05 -5.72
N TYR A 263 5.54 -1.82 -6.15
CA TYR A 263 5.17 -0.76 -5.25
C TYR A 263 3.99 0.02 -5.88
N GLN A 264 3.35 0.84 -5.07
CA GLN A 264 2.27 1.73 -5.55
C GLN A 264 2.33 3.00 -4.72
N MET A 265 2.55 4.13 -5.40
CA MET A 265 2.63 5.45 -4.79
C MET A 265 1.40 6.20 -5.25
N ARG A 266 0.89 7.11 -4.43
CA ARG A 266 -0.16 8.04 -4.93
C ARG A 266 0.08 9.48 -4.56
N PHE A 267 -0.34 10.36 -5.43
CA PHE A 267 -0.11 11.78 -5.24
C PHE A 267 -1.40 12.51 -5.50
N ASP A 268 -1.82 13.33 -4.53
CA ASP A 268 -3.05 14.15 -4.63
C ASP A 268 -2.74 15.41 -5.44
N LEU A 269 -3.10 15.39 -6.72
CA LEU A 269 -2.76 16.50 -7.63
C LEU A 269 -3.58 17.79 -7.39
N SER A 270 -4.63 17.70 -6.57
CA SER A 270 -5.40 18.91 -6.22
C SER A 270 -4.63 19.74 -5.18
N ARG A 271 -3.69 19.12 -4.47
CA ARG A 271 -3.03 19.80 -3.36
C ARG A 271 -1.65 20.33 -3.69
N SER A 272 -0.90 19.56 -4.46
CA SER A 272 0.47 19.95 -4.81
C SER A 272 0.94 19.25 -6.05
N PHE A 273 2.10 19.67 -6.53
CA PHE A 273 2.75 19.10 -7.68
C PHE A 273 3.98 18.30 -7.19
N PRO A 274 4.01 16.97 -7.45
CA PRO A 274 5.02 16.12 -6.82
C PRO A 274 6.38 16.14 -7.57
N LEU A 275 7.02 17.29 -7.53
CA LEU A 275 8.40 17.43 -8.02
C LEU A 275 9.30 17.27 -6.82
N LEU A 276 10.19 16.25 -6.83
CA LEU A 276 10.92 15.93 -5.63
C LEU A 276 11.69 17.16 -5.12
N THR A 277 11.71 17.30 -3.80
CA THR A 277 12.39 18.39 -3.13
C THR A 277 13.72 17.96 -2.53
N THR A 278 13.96 16.67 -2.40
CA THR A 278 15.21 16.16 -1.80
C THR A 278 16.41 16.19 -2.74
N LYS A 279 16.19 16.54 -4.00
CA LYS A 279 17.25 16.98 -4.88
C LYS A 279 16.62 17.96 -5.88
N LYS A 280 17.41 18.80 -6.52
CA LYS A 280 16.85 19.74 -7.51
C LYS A 280 16.62 18.93 -8.79
N VAL A 281 15.38 18.90 -9.26
CA VAL A 281 15.05 18.07 -10.40
C VAL A 281 14.90 18.98 -11.62
N ALA A 282 15.36 18.49 -12.79
CA ALA A 282 15.38 19.33 -14.01
C ALA A 282 14.05 19.40 -14.73
N LEU A 283 13.13 20.20 -14.17
CA LEU A 283 11.77 20.37 -14.68
C LEU A 283 11.68 20.70 -16.17
N ARG A 284 12.53 21.62 -16.62
CA ARG A 284 12.46 22.03 -18.02
C ARG A 284 12.56 20.81 -18.96
N SER A 285 13.51 19.91 -18.69
CA SER A 285 13.64 18.70 -19.48
C SER A 285 12.41 17.79 -19.42
N ILE A 286 11.79 17.68 -18.24
CA ILE A 286 10.53 16.90 -18.08
C ILE A 286 9.43 17.50 -19.00
N ILE A 287 9.29 18.81 -18.96
CA ILE A 287 8.22 19.44 -19.75
C ILE A 287 8.46 19.28 -21.26
N GLU A 288 9.71 19.52 -21.68
CA GLU A 288 10.03 19.37 -23.11
C GLU A 288 9.81 17.93 -23.58
N GLU A 289 10.17 16.95 -22.76
CA GLU A 289 9.99 15.56 -23.12
C GLU A 289 8.50 15.26 -23.31
N LEU A 290 7.68 15.75 -22.38
CA LEU A 290 6.24 15.52 -22.42
C LEU A 290 5.64 16.14 -23.64
N LEU A 291 6.05 17.37 -24.00
CA LEU A 291 5.53 18.01 -25.17
C LEU A 291 5.88 17.24 -26.46
N TRP A 292 7.07 16.67 -26.46
CA TRP A 292 7.59 15.87 -27.55
C TRP A 292 6.73 14.59 -27.69
N PHE A 293 6.41 13.92 -26.58
CA PHE A 293 5.50 12.77 -26.59
C PHE A 293 4.16 13.17 -27.21
N ILE A 294 3.61 14.28 -26.73
CA ILE A 294 2.28 14.72 -27.11
C ILE A 294 2.23 15.00 -28.62
N LYS A 295 3.28 15.62 -29.17
CA LYS A 295 3.25 15.88 -30.61
C LYS A 295 3.50 14.63 -31.49
N GLY A 296 3.80 13.49 -30.86
CA GLY A 296 4.01 12.22 -31.54
C GLY A 296 5.44 11.97 -32.07
N SER A 297 6.41 12.72 -31.60
CA SER A 297 7.70 12.75 -32.24
C SER A 297 8.57 11.55 -31.86
N THR A 298 9.38 11.07 -32.81
CA THR A 298 10.34 10.03 -32.55
C THR A 298 11.74 10.49 -32.90
N ASN A 299 11.87 11.81 -33.10
CA ASN A 299 13.12 12.39 -33.58
C ASN A 299 13.83 12.99 -32.38
N GLY A 300 14.90 12.36 -31.93
CA GLY A 300 15.64 12.87 -30.79
C GLY A 300 16.33 14.22 -30.98
N ASN A 301 16.57 14.61 -32.22
CA ASN A 301 17.05 15.96 -32.51
C ASN A 301 16.06 17.05 -32.07
N ASP A 302 14.75 16.74 -32.03
CA ASP A 302 13.77 17.77 -31.64
C ASP A 302 14.04 18.14 -30.17
N LEU A 303 14.57 17.20 -29.38
CA LEU A 303 14.91 17.47 -27.97
C LEU A 303 16.28 18.08 -27.86
N LEU A 304 17.26 17.58 -28.61
CA LEU A 304 18.60 18.19 -28.58
C LEU A 304 18.56 19.68 -28.96
N ALA A 305 17.75 20.03 -29.97
CA ALA A 305 17.63 21.42 -30.39
C ALA A 305 17.11 22.29 -29.28
N LYS A 306 16.46 21.68 -28.27
CA LYS A 306 15.93 22.44 -27.15
C LYS A 306 16.79 22.26 -25.90
N ASN A 307 18.05 21.83 -26.10
CA ASN A 307 18.97 21.67 -25.02
C ASN A 307 18.49 20.65 -23.98
N VAL A 308 17.83 19.60 -24.43
CA VAL A 308 17.38 18.50 -23.57
C VAL A 308 18.03 17.27 -24.13
N ARG A 309 18.85 16.61 -23.29
CA ARG A 309 19.76 15.57 -23.77
C ARG A 309 19.47 14.20 -23.14
N ILE A 310 18.30 14.05 -22.54
CA ILE A 310 17.98 12.83 -21.78
C ILE A 310 17.89 11.57 -22.64
N TRP A 311 17.56 11.74 -23.91
CA TRP A 311 17.43 10.62 -24.84
C TRP A 311 18.61 10.49 -25.81
N GLU A 312 19.64 11.32 -25.62
CA GLU A 312 20.74 11.41 -26.57
C GLU A 312 21.53 10.10 -26.73
N LEU A 313 21.83 9.44 -25.62
CA LEU A 313 22.73 8.28 -25.70
C LEU A 313 22.00 7.11 -26.35
N ASN A 314 20.67 7.08 -26.23
CA ASN A 314 19.90 5.98 -26.81
C ASN A 314 19.61 6.17 -28.32
N GLY A 315 19.96 7.34 -28.85
CA GLY A 315 19.88 7.62 -30.28
C GLY A 315 21.22 7.69 -31.00
N ARG A 316 22.30 7.55 -30.24
CA ARG A 316 23.63 7.59 -30.82
C ARG A 316 23.99 6.38 -31.67
N ARG A 317 24.83 6.64 -32.67
CA ARG A 317 25.32 5.63 -33.60
C ARG A 317 25.79 4.37 -32.89
N ASP A 318 26.59 4.52 -31.85
CA ASP A 318 27.21 3.36 -31.23
C ASP A 318 26.24 2.49 -30.43
N PHE A 319 25.25 3.11 -29.80
CA PHE A 319 24.14 2.37 -29.24
C PHE A 319 23.24 1.71 -30.30
N LEU A 320 22.94 2.44 -31.38
CA LEU A 320 22.09 1.88 -32.44
C LEU A 320 22.78 0.68 -33.11
N ASP A 321 24.03 0.87 -33.47
CA ASP A 321 24.83 -0.19 -34.09
C ASP A 321 25.02 -1.40 -33.16
N LYS A 322 25.15 -1.13 -31.88
CA LYS A 322 25.28 -2.14 -30.83
C LYS A 322 23.97 -2.99 -30.73
N ASN A 323 22.81 -2.40 -31.04
CA ASN A 323 21.53 -3.11 -30.94
C ASN A 323 20.81 -3.44 -32.24
N GLY A 324 21.56 -3.54 -33.33
CA GLY A 324 21.01 -3.99 -34.59
C GLY A 324 20.36 -2.93 -35.44
N PHE A 325 20.49 -1.66 -35.05
CA PHE A 325 19.84 -0.59 -35.81
C PHE A 325 20.83 0.10 -36.73
N THR A 326 21.54 -0.71 -37.51
CA THR A 326 22.62 -0.22 -38.38
C THR A 326 22.11 0.64 -39.55
N ASP A 327 20.86 0.45 -39.97
CA ASP A 327 20.26 1.28 -41.02
C ASP A 327 19.48 2.48 -40.47
N ARG A 328 19.50 2.68 -39.16
CA ARG A 328 18.80 3.81 -38.54
C ARG A 328 19.63 5.05 -38.51
N GLU A 329 19.02 6.17 -38.89
CA GLU A 329 19.65 7.48 -38.76
C GLU A 329 19.86 7.77 -37.28
N GLU A 330 20.92 8.50 -36.96
CA GLU A 330 21.17 8.88 -35.56
C GLU A 330 19.95 9.65 -35.02
N HIS A 331 19.55 9.29 -33.79
CA HIS A 331 18.40 9.86 -33.07
C HIS A 331 17.03 9.54 -33.67
N ASP A 332 16.99 8.62 -34.64
CA ASP A 332 15.69 8.06 -35.03
C ASP A 332 15.46 6.93 -34.04
N LEU A 333 14.61 7.22 -33.06
CA LEU A 333 14.40 6.33 -31.91
C LEU A 333 13.38 5.20 -32.20
N GLY A 334 12.78 5.24 -33.38
CA GLY A 334 11.83 4.25 -33.78
C GLY A 334 10.47 4.57 -33.20
N PRO A 335 9.54 3.60 -33.28
CA PRO A 335 8.13 3.84 -32.93
C PRO A 335 7.89 3.82 -31.41
N ILE A 336 8.48 4.79 -30.73
CA ILE A 336 8.42 4.86 -29.29
C ILE A 336 7.18 5.61 -28.81
N TYR A 337 7.20 5.96 -27.52
CA TYR A 337 6.05 6.55 -26.83
C TYR A 337 5.11 7.40 -27.66
N GLY A 338 5.61 8.50 -28.24
CA GLY A 338 4.74 9.43 -28.97
C GLY A 338 4.11 8.84 -30.22
N PHE A 339 4.85 8.00 -30.91
CA PHE A 339 4.29 7.35 -32.09
C PHE A 339 3.14 6.45 -31.68
N GLN A 340 3.28 5.76 -30.54
CA GLN A 340 2.21 4.83 -30.07
C GLN A 340 1.01 5.64 -29.56
N TRP A 341 1.27 6.77 -28.89
CA TRP A 341 0.18 7.56 -28.36
C TRP A 341 -0.69 8.13 -29.47
N ARG A 342 -0.10 8.47 -30.62
CA ARG A 342 -0.83 9.12 -31.69
C ARG A 342 -1.04 8.26 -32.91
N HIS A 343 -0.26 7.20 -33.10
CA HIS A 343 -0.34 6.44 -34.33
C HIS A 343 -0.28 4.90 -34.13
N PHE A 344 -0.81 4.38 -33.02
CA PHE A 344 -0.74 2.94 -32.74
C PHE A 344 -1.28 2.17 -33.95
N GLY A 345 -0.43 1.32 -34.50
CA GLY A 345 -0.80 0.37 -35.55
C GLY A 345 -0.32 0.81 -36.92
N ALA A 346 0.19 2.02 -37.02
CA ALA A 346 0.72 2.53 -38.28
C ALA A 346 2.07 1.86 -38.54
N GLU A 347 2.42 1.69 -39.82
CA GLU A 347 3.69 1.10 -40.18
C GLU A 347 4.78 2.15 -39.98
N TYR A 348 5.70 1.90 -39.07
CA TYR A 348 6.82 2.82 -38.90
C TYR A 348 7.82 2.67 -40.06
N LEU A 349 8.19 3.81 -40.63
CA LEU A 349 9.18 3.87 -41.69
C LEU A 349 10.45 4.52 -41.11
N ASP A 350 10.45 5.85 -41.00
CA ASP A 350 11.48 6.55 -40.24
C ASP A 350 10.91 7.80 -39.59
N MET A 351 11.76 8.55 -38.87
CA MET A 351 11.30 9.70 -38.10
C MET A 351 10.90 10.90 -38.97
N HIS A 352 11.19 10.81 -40.27
CA HIS A 352 10.89 11.82 -41.27
C HIS A 352 9.57 11.56 -42.02
N ALA A 353 8.99 10.38 -41.88
CA ALA A 353 7.78 10.04 -42.66
C ALA A 353 6.52 10.78 -42.17
N ASP A 354 5.54 10.88 -43.06
CA ASP A 354 4.24 11.50 -42.72
C ASP A 354 3.26 10.43 -42.25
N TYR A 355 2.78 10.56 -41.02
CA TYR A 355 1.85 9.59 -40.44
C TYR A 355 0.49 10.20 -40.17
N THR A 356 0.20 11.32 -40.83
CA THR A 356 -1.09 11.97 -40.67
C THR A 356 -2.16 10.99 -41.14
N GLY A 357 -3.12 10.75 -40.27
CA GLY A 357 -4.24 9.84 -40.54
C GLY A 357 -3.95 8.36 -40.47
N LYS A 358 -2.74 8.00 -40.03
CA LYS A 358 -2.34 6.59 -39.94
C LYS A 358 -2.38 6.13 -38.48
N GLY A 359 -2.86 4.91 -38.29
CA GLY A 359 -2.96 4.34 -36.98
C GLY A 359 -4.02 4.96 -36.12
N ILE A 360 -4.01 4.57 -34.85
CA ILE A 360 -5.04 4.94 -33.93
C ILE A 360 -4.47 6.00 -33.02
N ASP A 361 -5.15 7.13 -32.97
CA ASP A 361 -4.77 8.25 -32.08
C ASP A 361 -5.39 8.06 -30.73
N GLN A 362 -4.68 7.34 -29.90
CA GLN A 362 -5.19 6.92 -28.61
C GLN A 362 -5.37 8.11 -27.73
N LEU A 363 -4.42 9.05 -27.76
CA LEU A 363 -4.52 10.20 -26.85
C LEU A 363 -5.75 11.00 -27.22
N ALA A 364 -5.95 11.24 -28.52
CA ALA A 364 -7.14 11.99 -28.95
C ALA A 364 -8.42 11.24 -28.59
N GLU A 365 -8.43 9.92 -28.79
CA GLU A 365 -9.63 9.15 -28.52
C GLU A 365 -10.00 9.15 -27.04
N ILE A 366 -9.01 8.95 -26.19
CA ILE A 366 -9.24 8.88 -24.75
C ILE A 366 -9.66 10.23 -24.18
N ILE A 367 -9.02 11.32 -24.60
CA ILE A 367 -9.45 12.65 -24.18
C ILE A 367 -10.90 12.87 -24.60
N ASN A 368 -11.26 12.49 -25.83
CA ASN A 368 -12.67 12.67 -26.25
C ASN A 368 -13.63 11.80 -25.44
N ARG A 369 -13.18 10.60 -25.10
CA ARG A 369 -14.05 9.69 -24.34
C ARG A 369 -14.22 10.16 -22.89
N ILE A 370 -13.20 10.77 -22.31
CA ILE A 370 -13.33 11.35 -20.97
C ILE A 370 -14.45 12.40 -20.98
N LYS A 371 -14.54 13.17 -22.06
CA LYS A 371 -15.61 14.17 -22.20
C LYS A 371 -16.98 13.57 -22.38
N THR A 372 -17.09 12.57 -23.26
CA THR A 372 -18.37 12.06 -23.71
C THR A 372 -18.87 10.86 -22.91
N ASN A 373 -17.96 10.08 -22.32
CA ASN A 373 -18.30 8.90 -21.53
C ASN A 373 -17.34 8.67 -20.39
N PRO A 374 -17.36 9.59 -19.39
CA PRO A 374 -16.37 9.57 -18.30
C PRO A 374 -16.41 8.29 -17.45
N ASN A 375 -17.54 7.62 -17.41
CA ASN A 375 -17.68 6.40 -16.61
C ASN A 375 -17.22 5.12 -17.35
N ASP A 376 -16.76 5.28 -18.58
CA ASP A 376 -16.10 4.19 -19.31
C ASP A 376 -14.91 3.65 -18.47
N ARG A 377 -14.65 2.34 -18.55
CA ARG A 377 -13.57 1.70 -17.78
C ARG A 377 -12.45 1.19 -18.68
N ARG A 378 -12.29 1.82 -19.86
CA ARG A 378 -11.28 1.49 -20.85
C ARG A 378 -10.49 2.74 -21.27
N LEU A 379 -10.31 3.69 -20.35
CA LEU A 379 -9.69 4.98 -20.69
C LEU A 379 -8.20 4.84 -20.65
N ILE A 380 -7.67 4.07 -21.59
CA ILE A 380 -6.31 3.57 -21.54
C ILE A 380 -5.51 4.03 -22.76
N VAL A 381 -4.29 4.45 -22.50
CA VAL A 381 -3.33 4.70 -23.56
C VAL A 381 -2.19 3.70 -23.35
N CYS A 382 -1.92 2.88 -24.37
CA CYS A 382 -0.99 1.75 -24.24
C CYS A 382 0.16 1.96 -25.19
N SER A 383 1.39 1.96 -24.65
CA SER A 383 2.57 2.08 -25.48
C SER A 383 3.28 0.75 -25.73
N TRP A 384 2.83 -0.32 -25.06
CA TRP A 384 3.42 -1.66 -25.23
C TRP A 384 2.90 -2.35 -26.49
N ASN A 385 3.34 -1.87 -27.64
CA ASN A 385 2.85 -2.37 -28.89
C ASN A 385 3.73 -3.49 -29.23
N VAL A 386 3.27 -4.70 -28.94
CA VAL A 386 4.10 -5.90 -29.03
C VAL A 386 4.70 -6.08 -30.43
N SER A 387 3.97 -5.62 -31.43
CA SER A 387 4.38 -5.77 -32.83
C SER A 387 5.56 -4.85 -33.22
N ASP A 388 5.71 -3.75 -32.47
CA ASP A 388 6.76 -2.77 -32.75
C ASP A 388 8.00 -2.80 -31.82
N LEU A 389 7.98 -3.61 -30.76
CA LEU A 389 9.03 -3.59 -29.73
C LEU A 389 10.46 -3.69 -30.29
N LYS A 390 10.62 -4.64 -31.20
CA LYS A 390 11.85 -4.90 -31.89
C LYS A 390 12.41 -3.67 -32.64
N LYS A 391 11.53 -2.71 -33.02
CA LYS A 391 11.92 -1.53 -33.81
C LYS A 391 12.32 -0.36 -32.93
N MET A 392 12.08 -0.47 -31.61
CA MET A 392 12.31 0.68 -30.73
C MET A 392 13.72 0.67 -30.18
N ALA A 393 14.34 1.86 -30.05
CA ALA A 393 15.66 2.01 -29.45
C ALA A 393 15.70 1.41 -28.05
N LEU A 394 14.59 1.59 -27.36
CA LEU A 394 14.37 1.04 -26.04
C LEU A 394 12.86 0.87 -25.88
N PRO A 395 12.41 -0.27 -25.37
CA PRO A 395 10.96 -0.41 -25.17
C PRO A 395 10.47 0.49 -24.06
N PRO A 396 9.20 0.89 -24.06
CA PRO A 396 8.79 1.92 -23.08
C PRO A 396 8.85 1.45 -21.63
N CYS A 397 9.42 2.30 -20.78
CA CYS A 397 9.56 2.05 -19.34
C CYS A 397 8.23 2.32 -18.65
N HIS A 398 7.59 3.42 -19.00
CA HIS A 398 6.21 3.74 -18.64
C HIS A 398 5.29 3.25 -19.78
N CYS A 399 4.76 2.05 -19.57
CA CYS A 399 4.09 1.20 -20.55
C CYS A 399 2.64 1.48 -20.96
N PHE A 400 1.87 1.89 -19.97
CA PHE A 400 0.46 1.84 -19.99
C PHE A 400 -0.04 2.86 -18.99
N PHE A 401 -1.11 3.55 -19.30
CA PHE A 401 -1.71 4.44 -18.31
C PHE A 401 -3.20 4.49 -18.54
N GLN A 402 -3.93 4.73 -17.46
CA GLN A 402 -5.38 4.64 -17.50
C GLN A 402 -5.94 5.78 -16.71
N PHE A 403 -6.92 6.45 -17.27
CA PHE A 403 -7.66 7.47 -16.55
C PHE A 403 -8.93 6.98 -15.85
N TYR A 404 -9.41 7.84 -14.94
CA TYR A 404 -10.59 7.58 -14.13
C TYR A 404 -11.24 8.89 -13.73
N VAL A 405 -12.58 8.91 -13.77
CA VAL A 405 -13.31 10.11 -13.37
C VAL A 405 -14.29 9.77 -12.27
N SER A 406 -14.21 10.49 -11.15
CA SER A 406 -15.33 10.47 -10.19
C SER A 406 -15.42 11.80 -9.51
N ASP A 407 -16.65 12.19 -9.19
CA ASP A 407 -16.94 13.47 -8.57
C ASP A 407 -16.21 14.62 -9.25
N ASN A 408 -16.18 14.60 -10.59
CA ASN A 408 -15.70 15.73 -11.39
C ASN A 408 -14.21 15.92 -11.25
N LYS A 409 -13.52 14.85 -10.83
CA LYS A 409 -12.08 14.83 -10.72
C LYS A 409 -11.46 13.73 -11.59
N LEU A 410 -10.33 14.06 -12.23
CA LEU A 410 -9.57 13.12 -13.04
C LEU A 410 -8.40 12.51 -12.27
N SER A 411 -8.33 11.18 -12.23
CA SER A 411 -7.17 10.45 -11.74
C SER A 411 -6.50 9.71 -12.89
N CYS A 412 -5.28 9.25 -12.65
CA CYS A 412 -4.53 8.52 -13.68
C CYS A 412 -3.69 7.48 -12.95
N MET A 413 -3.66 6.25 -13.46
CA MET A 413 -2.72 5.20 -13.02
C MET A 413 -1.76 4.86 -14.10
N MET A 414 -0.48 4.66 -13.77
CA MET A 414 0.48 4.34 -14.80
C MET A 414 1.28 3.15 -14.35
N HIS A 415 1.55 2.23 -15.28
CA HIS A 415 2.33 1.03 -15.04
C HIS A 415 3.76 1.25 -15.54
N GLN A 416 4.74 1.24 -14.65
CA GLN A 416 6.12 1.39 -15.05
C GLN A 416 6.83 0.05 -14.92
N ARG A 417 7.21 -0.56 -16.04
CA ARG A 417 7.78 -1.90 -15.99
C ARG A 417 9.17 -1.95 -15.34
N SER A 418 9.88 -0.84 -15.44
CA SER A 418 11.28 -0.79 -15.08
C SER A 418 11.53 0.62 -14.62
N CYS A 419 12.03 0.75 -13.39
CA CYS A 419 12.03 1.99 -12.64
C CYS A 419 13.40 2.24 -12.05
N ASP A 420 14.17 3.10 -12.73
CA ASP A 420 15.48 3.55 -12.25
C ASP A 420 15.22 4.65 -11.21
N LEU A 421 15.30 4.24 -9.94
CA LEU A 421 14.82 5.06 -8.86
C LEU A 421 15.65 6.32 -8.73
N GLY A 422 16.93 6.25 -9.09
CA GLY A 422 17.75 7.44 -9.02
C GLY A 422 17.53 8.50 -10.08
N LEU A 423 17.28 8.07 -11.30
CA LEU A 423 17.35 8.92 -12.48
C LEU A 423 15.98 9.08 -13.09
N GLY A 424 15.39 8.01 -13.62
CA GLY A 424 14.15 8.12 -14.35
C GLY A 424 12.94 8.43 -13.53
N VAL A 425 12.83 7.78 -12.36
CA VAL A 425 11.54 7.78 -11.66
C VAL A 425 11.09 9.19 -11.29
N PRO A 426 12.01 10.03 -10.79
CA PRO A 426 11.63 11.39 -10.45
C PRO A 426 11.02 12.17 -11.63
N PHE A 427 11.51 11.91 -12.84
CA PHE A 427 11.00 12.54 -14.05
C PHE A 427 9.62 11.99 -14.32
N ASN A 428 9.52 10.66 -14.17
CA ASN A 428 8.27 9.96 -14.57
C ASN A 428 7.07 10.40 -13.70
N ILE A 429 7.30 10.60 -12.40
CA ILE A 429 6.26 11.05 -11.49
C ILE A 429 5.75 12.44 -11.86
N ALA A 430 6.70 13.34 -12.12
CA ALA A 430 6.34 14.72 -12.52
C ALA A 430 5.65 14.74 -13.90
N SER A 431 6.18 13.96 -14.84
CA SER A 431 5.63 13.89 -16.19
C SER A 431 4.13 13.52 -16.23
N TYR A 432 3.74 12.43 -15.58
CA TYR A 432 2.37 11.99 -15.60
C TYR A 432 1.48 12.92 -14.79
N SER A 433 2.04 13.56 -13.79
CA SER A 433 1.31 14.56 -13.07
C SER A 433 0.93 15.76 -13.94
N ILE A 434 1.88 16.25 -14.74
CA ILE A 434 1.57 17.29 -15.70
C ILE A 434 0.51 16.85 -16.73
N LEU A 435 0.73 15.68 -17.33
CA LEU A 435 -0.21 15.14 -18.30
C LEU A 435 -1.63 15.06 -17.75
N THR A 436 -1.75 14.57 -16.52
CA THR A 436 -3.05 14.43 -15.89
C THR A 436 -3.70 15.80 -15.71
N ALA A 437 -2.93 16.79 -15.26
CA ALA A 437 -3.43 18.14 -15.12
C ALA A 437 -3.84 18.72 -16.49
N MET A 438 -3.02 18.44 -17.53
CA MET A 438 -3.38 18.91 -18.87
C MET A 438 -4.72 18.32 -19.38
N VAL A 439 -4.87 17.02 -19.21
CA VAL A 439 -6.10 16.34 -19.64
C VAL A 439 -7.30 16.84 -18.81
N ALA A 440 -7.11 17.02 -17.50
CA ALA A 440 -8.21 17.50 -16.68
C ALA A 440 -8.66 18.88 -17.17
N GLN A 441 -7.69 19.76 -17.44
CA GLN A 441 -8.04 21.10 -17.90
C GLN A 441 -8.84 21.09 -19.18
N VAL A 442 -8.36 20.38 -20.19
CA VAL A 442 -9.06 20.41 -21.48
C VAL A 442 -10.41 19.68 -21.42
N CYS A 443 -10.60 18.82 -20.41
CA CYS A 443 -11.90 18.16 -20.17
C CYS A 443 -12.77 18.85 -19.13
N GLY A 444 -12.30 19.97 -18.59
CA GLY A 444 -13.06 20.72 -17.61
C GLY A 444 -13.23 20.04 -16.27
N LEU A 445 -12.27 19.18 -15.90
CA LEU A 445 -12.36 18.39 -14.68
C LEU A 445 -11.39 18.97 -13.65
N GLY A 446 -11.67 18.70 -12.37
CA GLY A 446 -10.78 18.95 -11.30
C GLY A 446 -9.76 17.83 -11.25
N LEU A 447 -8.84 17.92 -10.30
CA LEU A 447 -7.74 16.96 -10.20
C LEU A 447 -7.95 15.99 -9.05
N GLY A 448 -7.76 14.71 -9.37
CA GLY A 448 -7.75 13.60 -8.40
C GLY A 448 -6.33 13.19 -8.06
N GLU A 449 -6.01 11.92 -8.31
CA GLU A 449 -4.76 11.35 -7.86
C GLU A 449 -4.00 10.78 -9.03
N PHE A 450 -2.69 10.85 -8.93
CA PHE A 450 -1.82 10.12 -9.82
C PHE A 450 -1.36 8.92 -9.02
N VAL A 451 -1.67 7.72 -9.54
CA VAL A 451 -1.25 6.46 -8.94
C VAL A 451 -0.16 5.84 -9.83
N HIS A 452 0.98 5.61 -9.21
CA HIS A 452 2.21 5.15 -9.90
C HIS A 452 2.55 3.77 -9.47
N ASN A 453 2.42 2.77 -10.37
CA ASN A 453 2.76 1.43 -10.08
C ASN A 453 4.18 1.16 -10.58
N LEU A 454 5.02 0.71 -9.68
CA LEU A 454 6.40 0.29 -9.99
C LEU A 454 6.50 -1.23 -10.00
N ALA A 455 6.96 -1.79 -11.13
CA ALA A 455 7.25 -3.18 -11.22
C ALA A 455 8.70 -3.46 -10.77
N ASP A 456 9.66 -3.55 -11.70
CA ASP A 456 11.06 -3.81 -11.34
C ASP A 456 11.65 -2.46 -10.91
N ALA A 457 11.73 -2.22 -9.60
CA ALA A 457 12.24 -0.95 -9.07
C ALA A 457 13.66 -1.15 -8.60
N HIS A 458 14.57 -0.28 -9.01
CA HIS A 458 15.98 -0.60 -8.78
C HIS A 458 16.86 0.63 -8.63
N ILE A 459 18.01 0.40 -8.01
CA ILE A 459 19.03 1.41 -7.79
C ILE A 459 20.33 0.87 -8.30
N TYR A 460 20.90 1.54 -9.33
CA TYR A 460 22.19 1.11 -9.88
C TYR A 460 23.25 1.24 -8.83
N VAL A 461 24.24 0.34 -8.84
CA VAL A 461 25.22 0.31 -7.77
C VAL A 461 26.02 1.59 -7.65
N ASP A 462 26.19 2.32 -8.76
CA ASP A 462 26.96 3.58 -8.75
C ASP A 462 26.16 4.78 -8.28
N HIS A 463 24.90 4.56 -7.92
CA HIS A 463 24.06 5.57 -7.33
C HIS A 463 23.85 5.40 -5.81
N VAL A 464 24.40 4.36 -5.19
CA VAL A 464 24.18 4.13 -3.78
C VAL A 464 24.59 5.31 -2.93
N ASP A 465 25.76 5.91 -3.15
CA ASP A 465 26.17 7.03 -2.29
C ASP A 465 25.21 8.22 -2.43
N ALA A 466 24.83 8.52 -3.67
CA ALA A 466 23.87 9.61 -3.95
C ALA A 466 22.53 9.41 -3.25
N VAL A 467 22.01 8.21 -3.34
CA VAL A 467 20.73 7.89 -2.71
C VAL A 467 20.81 7.90 -1.17
N THR A 468 21.92 7.45 -0.62
CA THR A 468 22.19 7.52 0.81
C THR A 468 22.14 8.99 1.28
N THR A 469 22.75 9.90 0.51
CA THR A 469 22.72 11.33 0.80
C THR A 469 21.29 11.84 0.72
N GLN A 470 20.60 11.43 -0.34
CA GLN A 470 19.27 11.94 -0.59
C GLN A 470 18.25 11.57 0.50
N ILE A 471 18.27 10.32 0.98
CA ILE A 471 17.20 9.86 1.91
C ILE A 471 17.36 10.44 3.30
N ALA A 472 18.50 11.04 3.60
CA ALA A 472 18.63 11.75 4.87
C ALA A 472 18.13 13.20 4.80
N ARG A 473 17.86 13.70 3.60
CA ARG A 473 17.44 15.11 3.49
C ARG A 473 15.94 15.29 3.80
N ILE A 474 15.60 16.29 4.59
CA ILE A 474 14.18 16.52 5.01
C ILE A 474 13.46 17.20 3.85
N PRO A 475 12.36 16.60 3.39
CA PRO A 475 11.62 17.26 2.29
C PRO A 475 11.07 18.64 2.65
N HIS A 476 11.09 19.53 1.66
CA HIS A 476 10.41 20.82 1.71
C HIS A 476 9.02 20.56 1.24
N PRO A 477 8.09 21.50 1.50
CA PRO A 477 6.78 21.32 0.88
C PRO A 477 6.90 21.22 -0.65
N PHE A 478 6.11 20.38 -1.28
CA PHE A 478 6.09 20.33 -2.74
C PHE A 478 5.65 21.68 -3.32
N PRO A 479 6.03 21.94 -4.57
CA PRO A 479 5.54 23.10 -5.30
C PRO A 479 4.10 22.88 -5.81
N ARG A 480 3.61 23.85 -6.55
CA ARG A 480 2.29 23.78 -7.19
CA ARG A 480 2.30 23.78 -7.19
C ARG A 480 2.39 24.06 -8.69
N LEU A 481 1.48 23.46 -9.46
CA LEU A 481 1.43 23.61 -10.92
C LEU A 481 0.29 24.54 -11.33
N ARG A 482 0.58 25.51 -12.21
CA ARG A 482 -0.41 26.42 -12.84
CA ARG A 482 -0.46 26.30 -12.83
C ARG A 482 -0.26 26.23 -14.34
N LEU A 483 -1.35 25.85 -15.02
CA LEU A 483 -1.37 25.80 -16.45
C LEU A 483 -2.13 27.03 -16.90
N ASN A 484 -1.73 27.56 -18.04
CA ASN A 484 -2.49 28.64 -18.68
C ASN A 484 -3.91 28.20 -18.96
N PRO A 485 -4.92 28.84 -18.31
CA PRO A 485 -6.31 28.40 -18.41
C PRO A 485 -6.94 28.65 -19.75
N ASP A 486 -6.28 29.40 -20.63
CA ASP A 486 -6.83 29.64 -21.96
C ASP A 486 -6.62 28.45 -22.92
N ILE A 487 -5.70 27.55 -22.59
CA ILE A 487 -5.38 26.43 -23.46
C ILE A 487 -6.50 25.39 -23.42
N ARG A 488 -7.11 25.11 -24.56
CA ARG A 488 -8.28 24.21 -24.58
C ARG A 488 -8.12 22.88 -25.29
N ASN A 489 -7.00 22.69 -25.99
CA ASN A 489 -6.73 21.44 -26.71
C ASN A 489 -5.33 21.06 -26.34
N ILE A 490 -5.10 19.80 -26.07
CA ILE A 490 -3.83 19.33 -25.48
C ILE A 490 -2.63 19.63 -26.40
N GLU A 491 -2.86 19.69 -27.70
CA GLU A 491 -1.76 19.98 -28.62
C GLU A 491 -1.28 21.42 -28.56
N ASP A 492 -2.05 22.32 -27.96
CA ASP A 492 -1.70 23.73 -27.95
C ASP A 492 -0.81 24.14 -26.76
N PHE A 493 -0.63 23.25 -25.77
CA PHE A 493 0.27 23.57 -24.66
C PHE A 493 1.70 23.78 -25.17
N THR A 494 2.30 24.90 -24.76
CA THR A 494 3.73 25.17 -24.99
C THR A 494 4.42 25.29 -23.62
N ILE A 495 5.75 25.32 -23.60
CA ILE A 495 6.42 25.32 -22.31
C ILE A 495 6.06 26.54 -21.44
N ASP A 496 5.78 27.70 -22.06
CA ASP A 496 5.39 28.89 -21.29
C ASP A 496 4.00 28.77 -20.64
N ASP A 497 3.22 27.77 -21.06
CA ASP A 497 1.88 27.55 -20.52
C ASP A 497 1.89 26.62 -19.32
N ILE A 498 3.07 26.08 -18.99
CA ILE A 498 3.18 25.09 -17.92
C ILE A 498 4.17 25.60 -16.84
N VAL A 499 3.61 26.06 -15.73
CA VAL A 499 4.43 26.80 -14.76
C VAL A 499 4.31 26.15 -13.40
N VAL A 500 5.47 25.86 -12.86
CA VAL A 500 5.62 25.36 -11.51
C VAL A 500 6.11 26.51 -10.63
N GLU A 501 5.27 26.81 -9.65
CA GLU A 501 5.48 27.86 -8.69
C GLU A 501 5.99 27.31 -7.36
N ASP A 502 6.80 28.08 -6.68
CA ASP A 502 7.12 27.84 -5.28
C ASP A 502 7.93 26.59 -5.08
N TYR A 503 8.84 26.30 -5.99
CA TYR A 503 9.68 25.13 -5.88
C TYR A 503 10.89 25.41 -5.03
N VAL A 504 10.90 24.78 -3.86
CA VAL A 504 12.02 24.85 -2.96
C VAL A 504 12.64 23.47 -2.92
N SER A 505 13.95 23.40 -3.17
CA SER A 505 14.63 22.11 -3.13
C SER A 505 16.02 22.16 -2.53
N HIS A 506 16.44 20.98 -2.12
CA HIS A 506 17.82 20.72 -1.76
C HIS A 506 18.63 20.72 -3.06
N PRO A 507 19.98 20.70 -2.94
CA PRO A 507 20.81 20.82 -4.11
C PRO A 507 20.71 19.64 -5.07
N PRO A 508 21.07 19.87 -6.34
CA PRO A 508 21.05 18.75 -7.27
C PRO A 508 22.09 17.73 -6.87
N ILE A 509 21.82 16.47 -7.20
CA ILE A 509 22.71 15.34 -6.86
C ILE A 509 23.10 14.73 -8.19
N PRO A 510 24.39 14.85 -8.60
CA PRO A 510 24.81 14.19 -9.83
C PRO A 510 24.59 12.67 -9.82
N MET A 511 23.94 12.17 -10.87
CA MET A 511 23.70 10.74 -11.03
C MET A 511 23.92 10.34 -12.51
N ALA A 512 24.90 9.48 -12.74
CA ALA A 512 25.32 9.06 -14.08
C ALA A 512 24.37 7.99 -14.62
N MET A 513 24.04 8.08 -15.90
CA MET A 513 23.23 7.04 -16.55
C MET A 513 24.08 5.84 -16.96
N SER A 514 23.57 4.65 -16.65
CA SER A 514 24.08 3.42 -17.22
C SER A 514 23.46 3.20 -18.62
N ALA A 515 24.14 3.71 -19.65
CA ALA A 515 23.81 3.46 -21.07
C ALA A 515 23.52 4.73 -21.88
N SER B 8 -14.90 -22.66 44.45
CA SER B 8 -13.89 -23.77 44.30
C SER B 8 -12.71 -23.36 43.43
N TYR B 9 -12.99 -22.58 42.39
CA TYR B 9 -11.95 -22.04 41.50
C TYR B 9 -11.68 -20.55 41.76
N GLU B 10 -11.96 -20.08 42.99
CA GLU B 10 -11.61 -18.72 43.35
C GLU B 10 -10.10 -18.55 43.16
N GLY B 11 -9.71 -17.51 42.42
CA GLY B 11 -8.30 -17.18 42.17
C GLY B 11 -7.60 -18.05 41.14
N CYS B 12 -8.37 -18.82 40.39
CA CYS B 12 -7.81 -19.75 39.41
C CYS B 12 -8.09 -19.35 37.95
N GLY B 13 -8.39 -18.08 37.69
CA GLY B 13 -8.70 -17.61 36.33
C GLY B 13 -7.51 -17.05 35.57
N ASP B 14 -7.77 -16.59 34.34
CA ASP B 14 -6.76 -15.98 33.48
C ASP B 14 -5.64 -16.97 33.18
N LEU B 15 -6.04 -18.19 32.87
CA LEU B 15 -5.10 -19.17 32.39
C LEU B 15 -5.10 -18.99 30.87
N THR B 16 -3.97 -19.22 30.24
CA THR B 16 -3.84 -19.05 28.80
C THR B 16 -3.56 -20.40 28.17
N ILE B 17 -4.39 -20.77 27.21
CA ILE B 17 -4.26 -22.05 26.49
C ILE B 17 -3.41 -21.89 25.25
N PHE B 18 -2.47 -22.81 25.04
CA PHE B 18 -1.93 -23.06 23.72
C PHE B 18 -2.38 -24.43 23.28
N VAL B 19 -2.77 -24.57 22.02
CA VAL B 19 -3.18 -25.85 21.45
C VAL B 19 -3.09 -25.80 19.93
N ALA B 20 -2.94 -26.98 19.31
CA ALA B 20 -3.00 -27.11 17.82
C ALA B 20 -4.11 -28.10 17.50
N VAL B 21 -5.04 -27.71 16.64
CA VAL B 21 -6.30 -28.42 16.41
C VAL B 21 -6.58 -28.70 14.92
N ALA B 22 -6.89 -29.96 14.61
CA ALA B 22 -7.18 -30.36 13.26
C ALA B 22 -8.62 -29.95 12.95
N LEU B 23 -9.02 -30.07 11.68
CA LEU B 23 -10.34 -29.60 11.26
C LEU B 23 -11.50 -30.36 11.92
N ASN B 24 -11.26 -31.62 12.28
CA ASN B 24 -12.24 -32.41 12.98
C ASN B 24 -12.14 -32.33 14.53
N LYS B 25 -11.46 -31.30 15.03
CA LYS B 25 -11.22 -31.08 16.46
C LYS B 25 -10.26 -32.03 17.16
N VAL B 26 -9.64 -32.94 16.42
CA VAL B 26 -8.67 -33.86 16.94
C VAL B 26 -7.37 -33.19 17.33
N ILE B 27 -6.87 -33.53 18.52
CA ILE B 27 -5.57 -33.03 19.00
C ILE B 27 -4.58 -34.14 19.30
N GLY B 28 -5.04 -35.37 19.45
CA GLY B 28 -4.16 -36.49 19.81
C GLY B 28 -4.62 -37.85 19.27
N HIS B 29 -3.65 -38.77 19.11
CA HIS B 29 -3.89 -40.08 18.58
C HIS B 29 -2.82 -41.01 19.14
N LYS B 30 -3.23 -42.07 19.84
CA LYS B 30 -2.29 -43.02 20.48
C LYS B 30 -1.26 -42.30 21.37
N ASN B 31 -1.75 -41.34 22.14
CA ASN B 31 -0.93 -40.49 22.99
C ASN B 31 0.24 -39.80 22.25
N GLN B 32 0.01 -39.43 21.01
CA GLN B 32 0.98 -38.67 20.22
C GLN B 32 0.26 -37.59 19.46
N ILE B 33 1.02 -36.69 18.84
CA ILE B 33 0.43 -35.73 17.92
C ILE B 33 -0.07 -36.45 16.65
N PRO B 34 -1.27 -36.10 16.16
CA PRO B 34 -1.88 -36.89 15.09
C PRO B 34 -1.28 -36.62 13.71
N TRP B 35 -0.64 -35.47 13.53
CA TRP B 35 -0.11 -35.09 12.20
C TRP B 35 1.40 -35.18 12.19
N PRO B 36 2.01 -35.23 10.97
CA PRO B 36 3.45 -35.11 10.94
C PRO B 36 3.95 -33.83 11.64
N HIS B 37 5.15 -33.89 12.18
CA HIS B 37 5.75 -32.79 12.95
C HIS B 37 5.81 -31.48 12.16
N ILE B 38 5.31 -30.38 12.74
CA ILE B 38 5.44 -29.04 12.15
C ILE B 38 6.37 -28.24 13.08
N THR B 39 7.64 -28.15 12.71
CA THR B 39 8.64 -27.52 13.58
C THR B 39 8.29 -26.06 13.84
N HIS B 40 7.68 -25.43 12.84
CA HIS B 40 7.19 -24.04 12.94
C HIS B 40 6.19 -23.87 14.06
N ASP B 41 5.29 -24.81 14.18
CA ASP B 41 4.26 -24.80 15.21
C ASP B 41 4.91 -24.92 16.58
N PHE B 42 5.89 -25.79 16.72
CA PHE B 42 6.61 -25.83 17.97
C PHE B 42 7.37 -24.58 18.32
N ARG B 43 7.91 -23.86 17.33
CA ARG B 43 8.56 -22.57 17.62
C ARG B 43 7.54 -21.57 18.14
N PHE B 44 6.35 -21.58 17.54
CA PHE B 44 5.25 -20.72 17.99
C PHE B 44 4.92 -20.99 19.45
N LEU B 45 4.71 -22.26 19.81
CA LEU B 45 4.48 -22.66 21.18
C LEU B 45 5.63 -22.20 22.13
N ARG B 46 6.85 -22.51 21.75
CA ARG B 46 8.01 -22.21 22.58
C ARG B 46 8.14 -20.68 22.78
N ASN B 47 7.98 -19.94 21.71
CA ASN B 47 8.11 -18.48 21.77
C ASN B 47 6.99 -17.89 22.62
N GLY B 48 5.76 -18.39 22.41
CA GLY B 48 4.59 -17.87 23.11
C GLY B 48 4.68 -18.14 24.60
N THR B 49 5.20 -19.29 24.98
CA THR B 49 5.19 -19.71 26.39
C THR B 49 6.44 -19.34 27.18
N THR B 50 7.48 -18.84 26.52
CA THR B 50 8.71 -18.45 27.19
C THR B 50 8.88 -16.93 27.27
N TYR B 51 7.92 -16.18 26.73
CA TYR B 51 8.05 -14.73 26.70
C TYR B 51 7.82 -14.10 28.09
N ILE B 52 8.77 -13.27 28.49
CA ILE B 52 8.62 -12.41 29.67
C ILE B 52 8.77 -10.93 29.25
N PRO B 53 7.79 -10.07 29.62
CA PRO B 53 7.88 -8.64 29.30
C PRO B 53 9.20 -8.05 29.80
N PRO B 54 9.80 -7.10 29.07
CA PRO B 54 11.13 -6.60 29.50
C PRO B 54 11.17 -5.88 30.85
N GLU B 55 10.09 -5.15 31.19
CA GLU B 55 9.99 -4.50 32.49
C GLU B 55 9.99 -5.52 33.64
N VAL B 56 9.24 -6.60 33.45
CA VAL B 56 9.20 -7.70 34.40
C VAL B 56 10.56 -8.41 34.49
N LEU B 57 11.18 -8.67 33.33
CA LEU B 57 12.44 -9.42 33.30
C LEU B 57 13.61 -8.69 33.96
N SER B 58 13.66 -7.38 33.83
CA SER B 58 14.74 -6.62 34.46
C SER B 58 14.57 -6.48 35.98
N LYS B 59 13.32 -6.41 36.45
CA LYS B 59 13.05 -6.39 37.90
C LYS B 59 13.36 -7.74 38.57
N ASN B 60 13.01 -8.86 37.93
CA ASN B 60 13.53 -10.19 38.35
C ASN B 60 14.04 -11.05 37.19
N PRO B 61 15.38 -11.09 37.01
CA PRO B 61 16.01 -11.69 35.83
C PRO B 61 15.88 -13.21 35.71
N ASP B 62 15.66 -13.91 36.82
CA ASP B 62 15.47 -15.38 36.78
C ASP B 62 14.00 -15.83 36.62
N ILE B 63 13.09 -14.89 36.45
CA ILE B 63 11.65 -15.21 36.42
C ILE B 63 11.27 -16.06 35.18
N GLN B 64 10.33 -16.98 35.38
CA GLN B 64 9.83 -17.85 34.32
C GLN B 64 8.32 -17.95 34.33
N ASN B 65 7.77 -18.35 33.19
CA ASN B 65 6.37 -18.75 33.08
C ASN B 65 6.21 -20.17 33.52
N VAL B 66 4.95 -20.48 33.81
CA VAL B 66 4.53 -21.84 34.21
C VAL B 66 3.82 -22.51 33.02
N VAL B 67 4.12 -23.78 32.78
CA VAL B 67 3.35 -24.60 31.86
C VAL B 67 2.73 -25.74 32.67
N ILE B 68 1.44 -25.96 32.50
CA ILE B 68 0.70 -27.02 33.20
C ILE B 68 0.17 -28.02 32.19
N PHE B 69 0.38 -29.29 32.45
CA PHE B 69 -0.20 -30.33 31.62
C PHE B 69 -0.63 -31.55 32.41
N GLY B 70 -1.51 -32.33 31.79
CA GLY B 70 -1.97 -33.60 32.33
C GLY B 70 -0.84 -34.62 32.27
N ARG B 71 -0.96 -35.69 33.04
CA ARG B 71 0.09 -36.70 33.08
C ARG B 71 0.31 -37.30 31.70
N LYS B 72 -0.76 -37.57 30.96
CA LYS B 72 -0.60 -38.28 29.69
C LYS B 72 0.13 -37.38 28.70
N THR B 73 -0.22 -36.10 28.66
CA THR B 73 0.53 -35.15 27.81
C THR B 73 2.03 -35.10 28.17
N TYR B 74 2.35 -35.09 29.46
CA TYR B 74 3.74 -35.13 29.86
C TYR B 74 4.41 -36.40 29.31
N GLU B 75 3.74 -37.55 29.40
CA GLU B 75 4.33 -38.81 28.89
C GLU B 75 4.45 -38.84 27.35
N SER B 76 3.64 -38.05 26.65
CA SER B 76 3.71 -37.90 25.18
C SER B 76 4.87 -37.02 24.66
N ILE B 77 5.60 -36.36 25.54
CA ILE B 77 6.70 -35.49 25.11
C ILE B 77 7.98 -36.31 25.19
N PRO B 78 8.84 -36.24 24.15
CA PRO B 78 10.12 -36.94 24.24
C PRO B 78 10.85 -36.61 25.55
N LYS B 79 11.34 -37.65 26.22
CA LYS B 79 12.06 -37.54 27.51
C LYS B 79 13.19 -36.52 27.50
N ALA B 80 13.86 -36.42 26.37
CA ALA B 80 15.03 -35.56 26.22
C ALA B 80 14.69 -34.08 26.23
N SER B 81 13.41 -33.75 26.01
CA SER B 81 12.92 -32.37 26.05
C SER B 81 12.37 -31.94 27.39
N LEU B 82 12.36 -32.86 28.37
CA LEU B 82 11.67 -32.63 29.64
C LEU B 82 12.65 -32.49 30.79
N PRO B 83 12.37 -31.56 31.73
CA PRO B 83 11.25 -30.62 31.67
C PRO B 83 11.44 -29.59 30.56
N LEU B 84 10.35 -29.03 30.05
CA LEU B 84 10.45 -27.99 29.03
C LEU B 84 11.32 -26.85 29.52
N LYS B 85 12.32 -26.45 28.73
CA LYS B 85 13.39 -25.57 29.23
C LYS B 85 12.84 -24.16 29.46
N ASN B 86 13.38 -23.49 30.48
CA ASN B 86 13.06 -22.07 30.76
C ASN B 86 11.65 -21.81 31.29
N ARG B 87 10.94 -22.87 31.66
CA ARG B 87 9.62 -22.75 32.21
C ARG B 87 9.51 -23.65 33.45
N ILE B 88 8.63 -23.26 34.36
CA ILE B 88 8.26 -24.12 35.47
C ILE B 88 7.22 -25.14 34.96
N ASN B 89 7.54 -26.43 35.04
CA ASN B 89 6.67 -27.49 34.53
C ASN B 89 5.83 -28.07 35.66
N VAL B 90 4.51 -28.08 35.44
CA VAL B 90 3.56 -28.54 36.41
C VAL B 90 2.68 -29.62 35.78
N ILE B 91 2.65 -30.78 36.44
CA ILE B 91 1.86 -31.92 36.01
C ILE B 91 0.74 -32.12 37.03
N LEU B 92 -0.48 -32.36 36.55
CA LEU B 92 -1.57 -32.78 37.40
C LEU B 92 -1.73 -34.30 37.28
N SER B 93 -1.86 -34.99 38.42
CA SER B 93 -2.04 -36.45 38.45
C SER B 93 -2.59 -36.83 39.81
N ARG B 94 -3.43 -37.86 39.84
CA ARG B 94 -3.80 -38.50 41.11
C ARG B 94 -3.10 -39.86 41.34
N THR B 95 -2.17 -40.22 40.46
CA THR B 95 -1.49 -41.52 40.54
C THR B 95 0.03 -41.43 40.64
N VAL B 96 0.60 -40.32 40.18
CA VAL B 96 2.03 -40.04 40.33
C VAL B 96 2.18 -38.90 41.34
N LYS B 97 3.09 -39.05 42.29
CA LYS B 97 3.33 -38.03 43.32
C LYS B 97 4.61 -37.21 43.04
N GLU B 98 5.55 -37.80 42.30
CA GLU B 98 6.83 -37.16 42.04
C GLU B 98 7.23 -37.36 40.58
N VAL B 99 7.66 -36.27 39.96
CA VAL B 99 8.23 -36.28 38.63
C VAL B 99 9.48 -35.39 38.64
N PRO B 100 10.63 -35.96 38.23
CA PRO B 100 11.88 -35.19 38.26
C PRO B 100 11.83 -33.86 37.51
N GLY B 101 12.19 -32.78 38.20
CA GLY B 101 12.31 -31.46 37.60
C GLY B 101 11.00 -30.71 37.55
N CYS B 102 9.93 -31.31 38.05
CA CYS B 102 8.57 -30.77 37.89
C CYS B 102 7.86 -30.63 39.22
N LEU B 103 6.81 -29.82 39.25
CA LEU B 103 5.89 -29.75 40.37
C LEU B 103 4.72 -30.65 40.02
N VAL B 104 4.17 -31.33 41.02
CA VAL B 104 2.99 -32.18 40.84
C VAL B 104 1.87 -31.85 41.81
N TYR B 105 0.65 -31.73 41.28
CA TYR B 105 -0.56 -31.53 42.07
C TYR B 105 -1.63 -32.50 41.70
N GLU B 106 -2.59 -32.67 42.62
CA GLU B 106 -3.67 -33.62 42.46
C GLU B 106 -4.89 -33.00 41.77
N ASP B 107 -4.99 -31.69 41.77
CA ASP B 107 -5.99 -31.01 40.95
C ASP B 107 -5.61 -29.58 40.65
N LEU B 108 -6.35 -29.01 39.71
CA LEU B 108 -6.00 -27.75 39.10
C LEU B 108 -6.13 -26.60 40.09
N SER B 109 -7.25 -26.53 40.78
CA SER B 109 -7.46 -25.43 41.71
C SER B 109 -6.33 -25.34 42.77
N THR B 110 -5.96 -26.48 43.33
CA THR B 110 -4.89 -26.55 44.31
C THR B 110 -3.61 -25.96 43.74
N ALA B 111 -3.29 -26.38 42.53
CA ALA B 111 -2.04 -26.04 41.86
C ALA B 111 -1.97 -24.54 41.55
N ILE B 112 -3.03 -24.01 40.96
CA ILE B 112 -3.05 -22.58 40.63
C ILE B 112 -2.92 -21.74 41.89
N ARG B 113 -3.66 -22.09 42.95
CA ARG B 113 -3.54 -21.38 44.21
C ARG B 113 -2.16 -21.46 44.82
N ASP B 114 -1.58 -22.65 44.86
CA ASP B 114 -0.23 -22.83 45.39
C ASP B 114 0.80 -21.99 44.62
N LEU B 115 0.75 -22.07 43.29
CA LEU B 115 1.65 -21.31 42.40
C LEU B 115 1.62 -19.79 42.62
N ARG B 116 0.42 -19.23 42.57
CA ARG B 116 0.23 -17.77 42.72
C ARG B 116 0.56 -17.27 44.14
N ALA B 117 0.36 -18.11 45.16
CA ALA B 117 0.71 -17.74 46.51
C ALA B 117 2.19 -17.96 46.82
N ASN B 118 2.79 -19.03 46.31
CA ASN B 118 4.08 -19.52 46.84
C ASN B 118 5.24 -19.74 45.85
N VAL B 119 4.97 -19.72 44.56
CA VAL B 119 5.99 -20.00 43.53
C VAL B 119 6.12 -18.80 42.61
N PRO B 120 7.07 -17.89 42.89
CA PRO B 120 7.16 -16.75 41.97
C PRO B 120 7.30 -17.17 40.50
N HIS B 121 6.53 -16.49 39.65
CA HIS B 121 6.45 -16.78 38.22
C HIS B 121 5.79 -15.59 37.52
N ASN B 122 5.80 -15.61 36.20
CA ASN B 122 5.20 -14.53 35.43
C ASN B 122 3.76 -14.84 35.02
N LYS B 123 3.60 -15.79 34.09
CA LYS B 123 2.30 -16.14 33.54
C LYS B 123 2.10 -17.65 33.51
N ILE B 124 0.84 -18.08 33.60
CA ILE B 124 0.49 -19.49 33.60
C ILE B 124 -0.15 -19.92 32.26
N PHE B 125 0.46 -20.94 31.68
CA PHE B 125 -0.04 -21.57 30.45
C PHE B 125 -0.58 -22.99 30.61
N ILE B 126 -1.64 -23.30 29.87
CA ILE B 126 -2.29 -24.59 29.91
C ILE B 126 -1.97 -25.30 28.61
N LEU B 127 -1.25 -26.42 28.71
CA LEU B 127 -0.79 -27.12 27.52
C LEU B 127 -1.42 -28.51 27.37
N GLY B 128 -2.63 -28.69 27.91
CA GLY B 128 -3.44 -29.89 27.69
C GLY B 128 -3.14 -31.00 28.69
N GLY B 129 -3.80 -32.15 28.55
CA GLY B 129 -4.59 -32.49 27.39
C GLY B 129 -6.05 -32.14 27.52
N SER B 130 -6.91 -32.96 26.93
CA SER B 130 -8.32 -32.67 26.94
C SER B 130 -8.96 -32.78 28.29
N PHE B 131 -8.43 -33.62 29.18
CA PHE B 131 -8.91 -33.60 30.56
C PHE B 131 -8.71 -32.16 31.07
N LEU B 132 -7.52 -31.57 30.91
CA LEU B 132 -7.27 -30.19 31.40
C LEU B 132 -7.97 -29.06 30.63
N TYR B 133 -7.97 -29.15 29.30
CA TYR B 133 -8.63 -28.13 28.53
C TYR B 133 -10.12 -28.13 28.83
N LYS B 134 -10.72 -29.32 29.00
CA LYS B 134 -12.17 -29.45 29.26
C LYS B 134 -12.46 -28.82 30.63
N GLU B 135 -11.60 -29.04 31.64
CA GLU B 135 -11.83 -28.42 32.97
C GLU B 135 -11.68 -26.92 32.90
N VAL B 136 -10.69 -26.41 32.18
CA VAL B 136 -10.40 -24.97 32.12
C VAL B 136 -11.50 -24.18 31.42
N LEU B 137 -11.99 -24.73 30.31
CA LEU B 137 -13.05 -24.11 29.53
C LEU B 137 -14.42 -24.25 30.21
N ASP B 138 -14.77 -25.45 30.69
CA ASP B 138 -16.06 -25.64 31.41
C ASP B 138 -16.25 -24.64 32.57
N ASN B 139 -15.15 -24.31 33.26
CA ASN B 139 -15.22 -23.48 34.46
C ASN B 139 -14.76 -22.02 34.26
N GLY B 140 -14.58 -21.61 33.01
CA GLY B 140 -14.35 -20.19 32.70
C GLY B 140 -13.01 -19.64 33.15
N LEU B 141 -12.02 -20.52 33.25
CA LEU B 141 -10.72 -20.15 33.83
C LEU B 141 -9.75 -19.55 32.80
N CYS B 142 -10.18 -19.53 31.53
CA CYS B 142 -9.31 -19.09 30.43
C CYS B 142 -9.83 -17.79 29.84
N ASP B 143 -8.94 -16.83 29.68
CA ASP B 143 -9.29 -15.58 29.04
C ASP B 143 -8.74 -15.38 27.61
N LYS B 144 -7.83 -16.26 27.22
CA LYS B 144 -7.08 -16.15 25.95
C LYS B 144 -6.61 -17.52 25.48
N ILE B 145 -6.74 -17.79 24.18
CA ILE B 145 -6.40 -19.08 23.57
C ILE B 145 -5.55 -18.80 22.35
N TYR B 146 -4.34 -19.36 22.34
CA TYR B 146 -3.46 -19.38 21.17
C TYR B 146 -3.64 -20.73 20.51
N LEU B 147 -4.18 -20.70 19.30
CA LEU B 147 -4.63 -21.93 18.65
C LEU B 147 -4.06 -21.98 17.25
N THR B 148 -3.46 -23.11 16.91
CA THR B 148 -2.97 -23.37 15.55
C THR B 148 -4.06 -24.13 14.83
N ARG B 149 -4.57 -23.53 13.75
CA ARG B 149 -5.62 -24.13 12.96
C ARG B 149 -5.01 -24.95 11.82
N LEU B 150 -5.29 -26.26 11.78
CA LEU B 150 -4.93 -27.12 10.63
C LEU B 150 -6.13 -27.41 9.71
N ASN B 151 -5.93 -27.25 8.40
CA ASN B 151 -7.01 -27.33 7.44
C ASN B 151 -7.36 -28.72 6.98
N LYS B 152 -7.04 -29.73 7.78
CA LYS B 152 -7.23 -31.09 7.34
C LYS B 152 -7.73 -31.89 8.51
N GLU B 153 -8.48 -32.94 8.24
CA GLU B 153 -8.92 -33.85 9.32
C GLU B 153 -7.83 -34.89 9.51
N TYR B 154 -7.61 -35.29 10.77
CA TYR B 154 -6.68 -36.39 11.11
C TYR B 154 -7.34 -37.40 12.00
N PRO B 155 -6.97 -38.70 11.84
CA PRO B 155 -7.48 -39.74 12.75
C PRO B 155 -7.04 -39.38 14.13
N GLY B 156 -7.92 -39.60 15.10
CA GLY B 156 -7.59 -39.29 16.45
C GLY B 156 -8.58 -39.83 17.44
N ASP B 157 -8.18 -39.75 18.71
CA ASP B 157 -8.96 -40.27 19.83
C ASP B 157 -9.09 -39.22 20.98
N THR B 158 -8.45 -38.06 20.83
CA THR B 158 -8.40 -36.98 21.84
C THR B 158 -8.79 -35.69 21.13
N TYR B 159 -9.74 -34.96 21.69
CA TYR B 159 -10.37 -33.85 21.02
C TYR B 159 -10.31 -32.57 21.84
N PHE B 160 -10.14 -31.43 21.16
CA PHE B 160 -10.24 -30.14 21.82
C PHE B 160 -11.72 -29.79 21.98
N PRO B 161 -12.13 -29.37 23.19
CA PRO B 161 -13.51 -29.02 23.41
C PRO B 161 -13.96 -27.85 22.58
N ASP B 162 -15.25 -27.74 22.36
CA ASP B 162 -15.77 -26.55 21.67
C ASP B 162 -15.39 -25.28 22.47
N ILE B 163 -15.01 -24.23 21.77
CA ILE B 163 -14.73 -22.95 22.41
C ILE B 163 -16.08 -22.28 22.53
N PRO B 164 -16.46 -21.82 23.73
CA PRO B 164 -17.74 -21.14 23.97
C PRO B 164 -17.91 -19.85 23.20
N ASP B 165 -19.14 -19.52 22.86
CA ASP B 165 -19.41 -18.32 22.09
C ASP B 165 -19.13 -17.00 22.83
N THR B 166 -18.57 -17.09 24.03
CA THR B 166 -18.09 -15.92 24.76
C THR B 166 -16.70 -15.48 24.30
N PHE B 167 -16.06 -16.31 23.45
CA PHE B 167 -14.76 -15.99 22.85
C PHE B 167 -14.92 -15.51 21.43
N GLU B 168 -13.96 -14.70 20.99
CA GLU B 168 -13.90 -14.28 19.58
C GLU B 168 -12.47 -14.26 19.14
N ILE B 169 -12.27 -14.45 17.83
CA ILE B 169 -10.96 -14.38 17.24
C ILE B 169 -10.53 -12.91 17.09
N THR B 170 -9.36 -12.60 17.63
CA THR B 170 -8.86 -11.21 17.67
C THR B 170 -7.52 -11.07 16.94
N ALA B 171 -6.97 -12.18 16.49
CA ALA B 171 -5.70 -12.18 15.70
C ALA B 171 -5.64 -13.37 14.80
N ILE B 172 -5.07 -13.18 13.60
CA ILE B 172 -4.90 -14.27 12.62
C ILE B 172 -3.60 -13.97 11.88
N SER B 173 -2.64 -14.88 11.96
CA SER B 173 -1.41 -14.85 11.27
C SER B 173 -1.61 -15.02 9.73
N PRO B 174 -0.54 -14.78 8.94
CA PRO B 174 -0.59 -15.27 7.55
C PRO B 174 -0.76 -16.76 7.54
N THR B 175 -1.24 -17.29 6.41
CA THR B 175 -1.37 -18.74 6.21
C THR B 175 0.00 -19.32 5.81
N PHE B 176 0.30 -20.44 6.41
CA PHE B 176 1.56 -21.16 6.16
C PHE B 176 1.20 -22.57 5.64
N SER B 177 2.19 -23.30 5.15
CA SER B 177 2.02 -24.63 4.66
C SER B 177 3.28 -25.46 4.69
N THR B 178 3.07 -26.76 4.91
CA THR B 178 4.06 -27.77 4.72
C THR B 178 3.62 -28.50 3.45
N ASP B 179 4.37 -29.55 3.12
CA ASP B 179 4.01 -30.51 2.08
C ASP B 179 2.69 -31.24 2.32
N PHE B 180 2.19 -31.25 3.56
CA PHE B 180 1.10 -32.12 3.95
C PHE B 180 -0.15 -31.41 4.53
N VAL B 181 -0.04 -30.14 4.90
CA VAL B 181 -1.20 -29.40 5.45
C VAL B 181 -1.03 -27.87 5.33
N SER B 182 -2.13 -27.12 5.19
CA SER B 182 -2.05 -25.69 5.42
CA SER B 182 -2.16 -25.69 5.35
C SER B 182 -2.61 -25.36 6.79
N TYR B 183 -2.06 -24.28 7.36
CA TYR B 183 -2.33 -23.92 8.73
C TYR B 183 -2.08 -22.46 9.00
N ASP B 184 -2.63 -22.00 10.10
CA ASP B 184 -2.28 -20.67 10.60
C ASP B 184 -2.39 -20.62 12.11
N PHE B 185 -2.07 -19.45 12.65
CA PHE B 185 -2.14 -19.19 14.08
C PHE B 185 -3.20 -18.14 14.36
N VAL B 186 -4.03 -18.39 15.34
CA VAL B 186 -5.03 -17.42 15.72
C VAL B 186 -5.04 -17.21 17.24
N ILE B 187 -5.67 -16.12 17.66
CA ILE B 187 -5.85 -15.81 19.07
C ILE B 187 -7.30 -15.64 19.29
N TYR B 188 -7.83 -16.32 20.30
CA TYR B 188 -9.20 -16.06 20.77
C TYR B 188 -9.09 -15.34 22.11
N GLU B 189 -10.02 -14.42 22.37
CA GLU B 189 -10.21 -13.75 23.69
C GLU B 189 -11.69 -13.56 23.98
N ARG B 190 -12.02 -13.31 25.24
CA ARG B 190 -13.39 -13.04 25.66
C ARG B 190 -14.01 -11.77 25.09
N LYS B 191 -15.24 -11.84 24.60
CA LYS B 191 -15.92 -10.65 24.09
C LYS B 191 -15.96 -9.56 25.17
N ASP B 192 -16.45 -9.90 26.34
CA ASP B 192 -16.47 -8.94 27.47
C ASP B 192 -15.06 -8.66 27.99
N PRO B 200 -4.67 6.96 19.37
CA PRO B 200 -4.04 7.86 18.40
C PRO B 200 -3.72 9.20 19.07
N PRO B 201 -2.44 9.48 19.28
CA PRO B 201 -2.06 10.77 19.83
C PRO B 201 -2.57 11.93 18.98
N PHE B 202 -2.89 13.06 19.63
CA PHE B 202 -3.47 14.20 18.92
C PHE B 202 -2.65 14.69 17.72
N ASP B 203 -1.33 14.74 17.86
CA ASP B 203 -0.47 15.16 16.74
C ASP B 203 -0.73 14.36 15.47
N GLN B 204 -1.01 13.06 15.62
CA GLN B 204 -1.35 12.22 14.46
C GLN B 204 -2.62 12.74 13.75
N LEU B 205 -3.59 13.20 14.51
CA LEU B 205 -4.80 13.77 13.94
C LEU B 205 -4.51 15.14 13.37
N LEU B 206 -3.76 15.96 14.11
CA LEU B 206 -3.50 17.31 13.67
C LEU B 206 -2.65 17.39 12.39
N MET B 207 -1.65 16.52 12.30
CA MET B 207 -0.70 16.58 11.20
C MET B 207 -1.12 15.89 9.90
N THR B 208 -2.37 15.43 9.83
CA THR B 208 -2.99 15.07 8.56
C THR B 208 -3.35 16.34 7.81
N GLY B 209 -3.55 17.41 8.55
CA GLY B 209 -4.01 18.66 7.97
C GLY B 209 -5.48 18.69 7.60
N THR B 210 -6.23 17.63 7.93
CA THR B 210 -7.67 17.52 7.59
C THR B 210 -8.49 17.35 8.87
N ASP B 211 -9.82 17.28 8.74
CA ASP B 211 -10.71 17.32 9.91
C ASP B 211 -10.19 16.40 11.02
N ILE B 212 -10.07 16.95 12.24
CA ILE B 212 -9.58 16.17 13.37
C ILE B 212 -10.66 15.18 13.85
N SER B 213 -11.92 15.51 13.59
CA SER B 213 -13.04 14.64 13.92
C SER B 213 -13.45 13.92 12.64
N VAL B 214 -13.18 12.62 12.58
CA VAL B 214 -13.32 11.84 11.35
C VAL B 214 -14.32 10.70 11.56
N PRO B 215 -15.53 10.81 10.98
CA PRO B 215 -16.50 9.75 11.18
C PRO B 215 -15.92 8.39 10.78
N LYS B 216 -16.11 7.38 11.61
CA LYS B 216 -15.59 6.06 11.30
C LYS B 216 -16.23 5.62 9.98
N PRO B 217 -15.48 4.84 9.18
CA PRO B 217 -16.09 4.24 7.97
C PRO B 217 -17.35 3.47 8.28
N LYS B 218 -18.34 3.50 7.38
CA LYS B 218 -19.58 2.77 7.60
C LYS B 218 -19.43 1.23 7.59
N TYR B 219 -18.46 0.69 6.83
CA TYR B 219 -18.25 -0.74 6.73
C TYR B 219 -16.84 -1.09 7.14
N VAL B 220 -16.73 -2.14 7.93
CA VAL B 220 -15.42 -2.62 8.45
C VAL B 220 -15.49 -4.13 8.43
N ALA B 221 -14.53 -4.73 7.74
CA ALA B 221 -14.43 -6.18 7.65
C ALA B 221 -13.97 -6.73 8.99
N CYS B 222 -14.64 -7.78 9.48
CA CYS B 222 -14.24 -8.54 10.68
C CYS B 222 -13.74 -7.62 11.80
N PRO B 223 -14.62 -6.75 12.30
CA PRO B 223 -14.14 -5.70 13.18
C PRO B 223 -13.54 -6.18 14.53
N GLY B 224 -13.85 -7.41 14.95
CA GLY B 224 -13.25 -7.98 16.17
C GLY B 224 -11.81 -8.41 16.00
N VAL B 225 -11.36 -8.57 14.76
CA VAL B 225 -9.99 -9.03 14.51
C VAL B 225 -9.05 -7.79 14.49
N ARG B 226 -8.15 -7.74 15.47
CA ARG B 226 -7.26 -6.61 15.64
C ARG B 226 -5.90 -6.83 14.96
N ILE B 227 -5.37 -8.05 14.99
CA ILE B 227 -4.13 -8.34 14.29
C ILE B 227 -4.53 -9.09 13.02
N ARG B 228 -4.33 -8.45 11.87
CA ARG B 228 -5.05 -8.86 10.66
C ARG B 228 -4.04 -9.24 9.60
N ASN B 229 -3.34 -10.35 9.83
CA ASN B 229 -2.22 -10.75 9.01
C ASN B 229 -2.54 -11.77 7.91
N HIS B 230 -3.74 -12.34 7.93
CA HIS B 230 -4.20 -13.20 6.83
C HIS B 230 -4.25 -12.33 5.57
N GLU B 231 -3.68 -12.81 4.46
CA GLU B 231 -3.73 -12.05 3.20
C GLU B 231 -5.13 -11.74 2.68
N GLU B 232 -6.11 -12.56 3.05
CA GLU B 232 -7.49 -12.30 2.62
C GLU B 232 -8.02 -10.98 3.15
N PHE B 233 -7.47 -10.43 4.23
CA PHE B 233 -7.90 -9.13 4.74
C PHE B 233 -7.61 -8.02 3.73
N GLN B 234 -6.63 -8.21 2.85
CA GLN B 234 -6.43 -7.21 1.79
C GLN B 234 -7.71 -7.04 0.95
N TYR B 235 -8.30 -8.17 0.54
CA TYR B 235 -9.50 -8.19 -0.26
C TYR B 235 -10.72 -7.69 0.50
N LEU B 236 -10.89 -8.20 1.73
CA LEU B 236 -12.03 -7.81 2.54
C LEU B 236 -11.96 -6.30 2.88
N ASP B 237 -10.76 -5.82 3.17
CA ASP B 237 -10.56 -4.38 3.45
C ASP B 237 -10.95 -3.50 2.25
N ILE B 238 -10.63 -3.99 1.06
CA ILE B 238 -11.00 -3.27 -0.18
C ILE B 238 -12.50 -3.27 -0.36
N LEU B 239 -13.17 -4.41 -0.10
CA LEU B 239 -14.63 -4.41 -0.20
C LEU B 239 -15.23 -3.40 0.75
N ALA B 240 -14.71 -3.38 2.00
CA ALA B 240 -15.25 -2.44 2.99
C ALA B 240 -14.96 -0.95 2.61
N ASP B 241 -13.78 -0.72 2.05
CA ASP B 241 -13.35 0.60 1.61
C ASP B 241 -14.22 1.13 0.47
N VAL B 242 -14.53 0.30 -0.52
CA VAL B 242 -15.35 0.72 -1.63
C VAL B 242 -16.76 0.97 -1.14
N LEU B 243 -17.29 0.10 -0.28
CA LEU B 243 -18.64 0.39 0.27
C LEU B 243 -18.67 1.66 1.12
N SER B 244 -17.62 1.87 1.91
CA SER B 244 -17.50 3.04 2.81
C SER B 244 -17.27 4.38 2.09
N HIS B 245 -16.40 4.37 1.09
CA HIS B 245 -15.85 5.56 0.46
C HIS B 245 -15.93 5.65 -1.05
N GLY B 246 -16.45 4.59 -1.70
CA GLY B 246 -16.58 4.58 -3.14
C GLY B 246 -17.70 5.50 -3.60
N VAL B 247 -17.54 6.06 -4.80
CA VAL B 247 -18.58 6.87 -5.42
C VAL B 247 -19.55 6.00 -6.19
N LEU B 248 -20.86 6.21 -5.99
CA LEU B 248 -21.85 5.46 -6.73
C LEU B 248 -21.93 6.11 -8.11
N LYS B 249 -21.61 5.37 -9.16
CA LYS B 249 -21.70 5.99 -10.47
C LYS B 249 -22.19 4.96 -11.49
N PRO B 250 -22.76 5.44 -12.61
CA PRO B 250 -23.21 4.58 -13.70
C PRO B 250 -22.03 3.96 -14.44
N ASN B 251 -22.33 2.97 -15.28
CA ASN B 251 -21.35 2.34 -16.10
C ASN B 251 -22.07 1.67 -17.26
N ARG B 252 -21.29 1.02 -18.11
CA ARG B 252 -21.75 0.38 -19.32
C ARG B 252 -22.91 -0.56 -19.08
N THR B 253 -22.96 -1.26 -17.93
CA THR B 253 -23.94 -2.32 -17.73
C THR B 253 -25.35 -1.79 -17.44
N GLY B 254 -25.49 -0.55 -16.97
CA GLY B 254 -26.82 -0.16 -16.56
C GLY B 254 -27.32 -0.65 -15.21
N THR B 255 -26.46 -1.33 -14.47
CA THR B 255 -26.56 -1.42 -13.02
C THR B 255 -25.46 -0.56 -12.44
N ASP B 256 -25.78 0.41 -11.57
CA ASP B 256 -24.74 1.28 -11.06
C ASP B 256 -23.81 0.51 -10.12
N ALA B 257 -22.62 1.06 -9.91
CA ALA B 257 -21.65 0.45 -9.02
C ALA B 257 -20.96 1.49 -8.15
N TYR B 258 -20.69 1.15 -6.90
CA TYR B 258 -19.79 1.94 -6.05
C TYR B 258 -18.38 1.68 -6.51
N SER B 259 -17.63 2.76 -6.73
CA SER B 259 -16.32 2.67 -7.35
C SER B 259 -15.23 3.51 -6.63
N LYS B 260 -14.01 2.98 -6.59
CA LYS B 260 -12.85 3.70 -6.08
C LYS B 260 -11.65 3.23 -6.91
N PHE B 261 -10.64 4.08 -7.07
CA PHE B 261 -9.57 3.84 -8.02
C PHE B 261 -8.25 3.58 -7.31
N GLY B 262 -7.58 2.51 -7.69
CA GLY B 262 -6.18 2.28 -7.35
C GLY B 262 -5.98 1.53 -6.06
N TYR B 263 -5.75 0.22 -6.19
CA TYR B 263 -5.30 -0.60 -5.08
C TYR B 263 -4.16 -1.53 -5.53
N GLN B 264 -3.50 -2.10 -4.56
CA GLN B 264 -2.44 -3.11 -4.85
C GLN B 264 -2.43 -4.18 -3.76
N MET B 265 -2.68 -5.43 -4.14
CA MET B 265 -2.67 -6.57 -3.19
C MET B 265 -1.47 -7.41 -3.51
N ARG B 266 -0.94 -8.10 -2.52
CA ARG B 266 0.07 -9.11 -2.81
C ARG B 266 -0.13 -10.39 -2.05
N PHE B 267 0.27 -11.48 -2.69
CA PHE B 267 0.06 -12.81 -2.12
C PHE B 267 1.35 -13.60 -2.25
N ASP B 268 1.84 -14.14 -1.14
CA ASP B 268 3.07 -14.97 -1.09
C ASP B 268 2.72 -16.39 -1.53
N LEU B 269 3.05 -16.72 -2.78
CA LEU B 269 2.63 -18.00 -3.35
C LEU B 269 3.45 -19.21 -2.87
N SER B 270 4.53 -18.92 -2.18
CA SER B 270 5.28 -19.96 -1.55
C SER B 270 4.58 -20.60 -0.30
N ARG B 271 3.73 -19.81 0.35
CA ARG B 271 3.09 -20.19 1.57
C ARG B 271 1.71 -20.79 1.43
N SER B 272 0.92 -20.21 0.54
CA SER B 272 -0.44 -20.63 0.34
C SER B 272 -0.96 -20.24 -1.02
N PHE B 273 -2.14 -20.74 -1.30
CA PHE B 273 -2.87 -20.43 -2.52
C PHE B 273 -4.08 -19.54 -2.20
N PRO B 274 -4.12 -18.30 -2.76
CA PRO B 274 -5.16 -17.33 -2.34
C PRO B 274 -6.52 -17.56 -2.99
N LEU B 275 -7.14 -18.68 -2.67
CA LEU B 275 -8.54 -18.93 -3.02
C LEU B 275 -9.39 -18.48 -1.87
N LEU B 276 -10.24 -17.48 -2.08
CA LEU B 276 -10.96 -16.88 -0.97
C LEU B 276 -11.68 -17.96 -0.14
N THR B 277 -11.61 -17.76 1.17
CA THR B 277 -12.29 -18.61 2.14
C THR B 277 -13.56 -18.03 2.70
N THR B 278 -13.81 -16.73 2.49
CA THR B 278 -15.05 -16.10 2.99
C THR B 278 -16.29 -16.37 2.12
N LYS B 279 -16.09 -17.04 1.02
CA LYS B 279 -17.19 -17.71 0.31
C LYS B 279 -16.59 -18.85 -0.46
N LYS B 280 -17.40 -19.84 -0.81
CA LYS B 280 -16.89 -20.99 -1.56
C LYS B 280 -16.73 -20.53 -3.02
N VAL B 281 -15.52 -20.61 -3.50
CA VAL B 281 -15.22 -20.07 -4.83
C VAL B 281 -15.19 -21.25 -5.81
N ALA B 282 -15.76 -21.04 -6.99
CA ALA B 282 -15.86 -22.09 -8.02
C ALA B 282 -14.54 -22.37 -8.74
N LEU B 283 -13.62 -23.06 -8.05
CA LEU B 283 -12.27 -23.31 -8.57
C LEU B 283 -12.25 -23.99 -9.93
N ARG B 284 -13.13 -24.97 -10.11
CA ARG B 284 -13.13 -25.72 -11.36
C ARG B 284 -13.26 -24.78 -12.57
N SER B 285 -14.17 -23.81 -12.49
CA SER B 285 -14.33 -22.88 -13.55
C SER B 285 -13.08 -22.01 -13.78
N ILE B 286 -12.41 -21.57 -12.72
CA ILE B 286 -11.17 -20.78 -12.81
C ILE B 286 -10.10 -21.59 -13.59
N ILE B 287 -9.95 -22.84 -13.22
CA ILE B 287 -8.90 -23.68 -13.88
C ILE B 287 -9.24 -23.91 -15.36
N GLU B 288 -10.51 -24.22 -15.67
CA GLU B 288 -10.87 -24.47 -17.08
C GLU B 288 -10.68 -23.18 -17.89
N GLU B 289 -11.05 -22.04 -17.31
CA GLU B 289 -10.89 -20.79 -18.01
C GLU B 289 -9.43 -20.53 -18.31
N LEU B 290 -8.57 -20.81 -17.34
CA LEU B 290 -7.14 -20.60 -17.56
C LEU B 290 -6.57 -21.50 -18.64
N LEU B 291 -6.96 -22.78 -18.64
CA LEU B 291 -6.52 -23.71 -19.66
C LEU B 291 -6.96 -23.27 -21.06
N TRP B 292 -8.15 -22.68 -21.13
CA TRP B 292 -8.71 -22.16 -22.37
C TRP B 292 -7.87 -20.97 -22.86
N PHE B 293 -7.53 -20.04 -21.95
CA PHE B 293 -6.63 -18.93 -22.29
C PHE B 293 -5.31 -19.46 -22.84
N ILE B 294 -4.69 -20.38 -22.10
CA ILE B 294 -3.39 -20.89 -22.49
C ILE B 294 -3.42 -21.51 -23.89
N LYS B 295 -4.45 -22.29 -24.21
CA LYS B 295 -4.52 -22.88 -25.56
C LYS B 295 -4.86 -21.88 -26.66
N GLY B 296 -5.08 -20.63 -26.29
CA GLY B 296 -5.36 -19.56 -27.24
C GLY B 296 -6.76 -19.53 -27.82
N SER B 297 -7.70 -20.16 -27.14
CA SER B 297 -9.04 -20.30 -27.71
C SER B 297 -9.87 -19.02 -27.59
N THR B 298 -10.70 -18.78 -28.61
CA THR B 298 -11.65 -17.71 -28.60
C THR B 298 -13.06 -18.23 -28.76
N ASN B 299 -13.21 -19.55 -28.67
CA ASN B 299 -14.48 -20.23 -28.87
C ASN B 299 -15.08 -20.57 -27.49
N GLY B 300 -16.14 -19.84 -27.16
CA GLY B 300 -16.88 -20.01 -25.91
C GLY B 300 -17.56 -21.34 -25.73
N ASN B 301 -17.82 -22.02 -26.84
CA ASN B 301 -18.32 -23.38 -26.78
C ASN B 301 -17.32 -24.35 -26.14
N ASP B 302 -16.02 -24.04 -26.26
CA ASP B 302 -15.02 -24.94 -25.66
C ASP B 302 -15.20 -24.94 -24.13
N LEU B 303 -15.69 -23.82 -23.59
CA LEU B 303 -15.95 -23.74 -22.15
C LEU B 303 -17.31 -24.34 -21.81
N LEU B 304 -18.32 -24.02 -22.61
CA LEU B 304 -19.65 -24.60 -22.40
C LEU B 304 -19.58 -26.13 -22.37
N ALA B 305 -18.75 -26.71 -23.26
CA ALA B 305 -18.66 -28.17 -23.34
C ALA B 305 -18.10 -28.78 -22.06
N LYS B 306 -17.44 -27.94 -21.24
CA LYS B 306 -16.90 -28.38 -19.96
C LYS B 306 -17.75 -27.92 -18.77
N ASN B 307 -19.02 -27.56 -19.02
CA ASN B 307 -19.89 -27.10 -17.96
CA ASN B 307 -19.95 -27.05 -17.97
C ASN B 307 -19.35 -25.83 -17.28
N VAL B 308 -18.75 -24.91 -18.04
CA VAL B 308 -18.26 -23.65 -17.47
C VAL B 308 -18.94 -22.57 -18.30
N ARG B 309 -19.74 -21.74 -17.64
CA ARG B 309 -20.65 -20.85 -18.34
C ARG B 309 -20.36 -19.38 -18.08
N ILE B 310 -19.18 -19.11 -17.54
CA ILE B 310 -18.84 -17.73 -17.11
C ILE B 310 -18.78 -16.73 -18.28
N TRP B 311 -18.48 -17.22 -19.49
CA TRP B 311 -18.42 -16.37 -20.67
C TRP B 311 -19.64 -16.45 -21.56
N GLU B 312 -20.68 -17.18 -21.14
CA GLU B 312 -21.77 -17.58 -22.02
C GLU B 312 -22.59 -16.38 -22.45
N LEU B 313 -22.91 -15.48 -21.52
CA LEU B 313 -23.77 -14.35 -21.86
C LEU B 313 -23.07 -13.40 -22.83
N ASN B 314 -21.74 -13.31 -22.75
CA ASN B 314 -20.98 -12.41 -23.62
C ASN B 314 -20.81 -12.93 -25.07
N GLY B 315 -21.17 -14.20 -25.30
CA GLY B 315 -21.17 -14.77 -26.62
C GLY B 315 -22.54 -14.96 -27.21
N ARG B 316 -23.58 -14.54 -26.50
CA ARG B 316 -24.93 -14.73 -27.00
C ARG B 316 -25.32 -13.75 -28.10
N ARG B 317 -26.13 -14.27 -29.03
CA ARG B 317 -26.70 -13.53 -30.15
C ARG B 317 -27.14 -12.14 -29.70
N ASP B 318 -27.90 -12.08 -28.61
CA ASP B 318 -28.53 -10.84 -28.13
C ASP B 318 -27.50 -9.78 -27.73
N PHE B 319 -26.41 -10.21 -27.11
CA PHE B 319 -25.32 -9.34 -26.75
C PHE B 319 -24.47 -8.94 -27.95
N LEU B 320 -24.17 -9.95 -28.79
CA LEU B 320 -23.39 -9.74 -30.01
C LEU B 320 -24.08 -8.71 -30.89
N ASP B 321 -25.38 -8.93 -31.13
CA ASP B 321 -26.18 -8.07 -32.03
C ASP B 321 -26.44 -6.66 -31.50
N LYS B 322 -26.47 -6.50 -30.16
CA LYS B 322 -26.66 -5.20 -29.52
C LYS B 322 -25.36 -4.39 -29.52
N ASN B 323 -24.22 -5.07 -29.55
CA ASN B 323 -22.91 -4.40 -29.59
C ASN B 323 -22.25 -4.43 -30.96
N GLY B 324 -23.04 -4.71 -31.99
CA GLY B 324 -22.61 -4.57 -33.37
C GLY B 324 -21.89 -5.75 -34.00
N PHE B 325 -21.96 -6.92 -33.38
CA PHE B 325 -21.33 -8.11 -33.95
C PHE B 325 -22.33 -9.03 -34.68
N THR B 326 -23.05 -8.45 -35.64
CA THR B 326 -24.12 -9.16 -36.35
C THR B 326 -23.67 -10.28 -37.28
N ASP B 327 -22.41 -10.25 -37.75
CA ASP B 327 -21.88 -11.33 -38.58
C ASP B 327 -21.03 -12.36 -37.83
N ARG B 328 -20.98 -12.26 -36.50
CA ARG B 328 -20.24 -13.23 -35.70
C ARG B 328 -21.12 -14.40 -35.29
N GLU B 329 -20.55 -15.59 -35.37
CA GLU B 329 -21.21 -16.78 -34.88
C GLU B 329 -21.39 -16.64 -33.38
N GLU B 330 -22.47 -17.22 -32.85
CA GLU B 330 -22.63 -17.25 -31.40
C GLU B 330 -21.38 -17.88 -30.72
N HIS B 331 -20.91 -17.26 -29.63
CA HIS B 331 -19.73 -17.64 -28.84
C HIS B 331 -18.38 -17.49 -29.55
N ASP B 332 -18.35 -16.84 -30.69
CA ASP B 332 -17.08 -16.39 -31.28
C ASP B 332 -16.81 -15.06 -30.60
N LEU B 333 -15.93 -15.09 -29.63
CA LEU B 333 -15.72 -13.94 -28.74
C LEU B 333 -14.75 -12.94 -29.38
N GLY B 334 -14.15 -13.34 -30.50
CA GLY B 334 -13.22 -12.49 -31.19
C GLY B 334 -11.82 -12.64 -30.62
N PRO B 335 -10.93 -11.69 -30.93
CA PRO B 335 -9.52 -11.78 -30.54
C PRO B 335 -9.22 -11.38 -29.07
N ILE B 336 -9.77 -12.17 -28.14
CA ILE B 336 -9.64 -11.88 -26.74
C ILE B 336 -8.39 -12.49 -26.14
N TYR B 337 -8.34 -12.52 -24.80
CA TYR B 337 -7.17 -12.98 -24.07
C TYR B 337 -6.25 -14.05 -24.65
N GLY B 338 -6.79 -15.23 -24.95
CA GLY B 338 -6.01 -16.34 -25.48
C GLY B 338 -5.40 -16.04 -26.85
N PHE B 339 -6.16 -15.37 -27.70
CA PHE B 339 -5.63 -14.97 -29.01
C PHE B 339 -4.43 -14.05 -28.87
N GLN B 340 -4.50 -13.11 -27.94
CA GLN B 340 -3.46 -12.09 -27.78
C GLN B 340 -2.25 -12.75 -27.16
N TRP B 341 -2.46 -13.67 -26.21
CA TRP B 341 -1.37 -14.37 -25.56
C TRP B 341 -0.52 -15.18 -26.52
N ARG B 342 -1.16 -15.77 -27.53
CA ARG B 342 -0.49 -16.69 -28.41
C ARG B 342 -0.31 -16.18 -29.83
N HIS B 343 -1.06 -15.14 -30.22
CA HIS B 343 -1.06 -14.69 -31.61
C HIS B 343 -1.14 -13.17 -31.80
N PHE B 344 -0.55 -12.40 -30.87
CA PHE B 344 -0.65 -10.93 -30.94
C PHE B 344 -0.24 -10.46 -32.35
N GLY B 345 -1.10 -9.69 -33.04
CA GLY B 345 -0.71 -9.09 -34.32
C GLY B 345 -1.22 -9.89 -35.51
N ALA B 346 -1.72 -11.09 -35.28
CA ALA B 346 -2.37 -11.87 -36.33
C ALA B 346 -3.70 -11.25 -36.71
N GLU B 347 -4.06 -11.42 -37.96
CA GLU B 347 -5.37 -10.98 -38.46
C GLU B 347 -6.45 -11.95 -37.97
N TYR B 348 -7.32 -11.48 -37.10
CA TYR B 348 -8.45 -12.30 -36.69
C TYR B 348 -9.46 -12.42 -37.82
N LEU B 349 -9.86 -13.66 -38.07
CA LEU B 349 -10.92 -13.97 -39.03
C LEU B 349 -12.15 -14.45 -38.24
N ASP B 350 -12.12 -15.70 -37.78
CA ASP B 350 -13.12 -16.23 -36.86
C ASP B 350 -12.50 -17.32 -35.93
N MET B 351 -13.32 -17.83 -35.00
CA MET B 351 -12.84 -18.77 -34.00
C MET B 351 -12.50 -20.14 -34.59
N HIS B 352 -12.90 -20.37 -35.84
CA HIS B 352 -12.63 -21.60 -36.59
C HIS B 352 -11.37 -21.54 -37.47
N ALA B 353 -10.66 -20.42 -37.49
CA ALA B 353 -9.48 -20.29 -38.37
C ALA B 353 -8.20 -20.89 -37.77
N ASP B 354 -7.22 -21.18 -38.62
CA ASP B 354 -5.90 -21.69 -38.20
C ASP B 354 -4.94 -20.52 -38.06
N TYR B 355 -4.44 -20.29 -36.85
CA TYR B 355 -3.51 -19.22 -36.57
C TYR B 355 -2.13 -19.77 -36.25
N THR B 356 -1.90 -21.05 -36.57
CA THR B 356 -0.60 -21.66 -36.36
C THR B 356 0.47 -20.83 -37.05
N GLY B 357 1.42 -20.34 -36.26
CA GLY B 357 2.59 -19.63 -36.79
C GLY B 357 2.32 -18.20 -37.16
N LYS B 358 1.14 -17.69 -36.79
CA LYS B 358 0.72 -16.33 -37.10
C LYS B 358 0.77 -15.45 -35.83
N GLY B 359 1.23 -14.23 -35.98
CA GLY B 359 1.31 -13.31 -34.86
C GLY B 359 2.42 -13.70 -33.90
N ILE B 360 2.52 -12.96 -32.80
CA ILE B 360 3.57 -13.18 -31.82
C ILE B 360 3.05 -13.98 -30.62
N ASP B 361 3.70 -15.10 -30.31
CA ASP B 361 3.38 -15.94 -29.15
C ASP B 361 4.08 -15.42 -27.94
N GLN B 362 3.40 -14.50 -27.32
CA GLN B 362 3.98 -13.79 -26.17
C GLN B 362 4.24 -14.76 -25.03
N LEU B 363 3.26 -15.63 -24.74
CA LEU B 363 3.43 -16.59 -23.64
C LEU B 363 4.69 -17.45 -23.84
N ALA B 364 4.85 -18.03 -25.03
CA ALA B 364 6.00 -18.88 -25.32
C ALA B 364 7.29 -18.08 -25.23
N GLU B 365 7.28 -16.88 -25.78
CA GLU B 365 8.48 -16.05 -25.82
C GLU B 365 8.93 -15.65 -24.41
N ILE B 366 7.97 -15.29 -23.56
CA ILE B 366 8.31 -14.83 -22.21
C ILE B 366 8.77 -16.00 -21.31
N ILE B 367 8.13 -17.17 -21.44
CA ILE B 367 8.56 -18.35 -20.70
C ILE B 367 9.97 -18.69 -21.12
N ASN B 368 10.30 -18.60 -22.42
CA ASN B 368 11.69 -18.90 -22.85
C ASN B 368 12.70 -17.87 -22.28
N ARG B 369 12.29 -16.62 -22.27
CA ARG B 369 13.14 -15.59 -21.75
C ARG B 369 13.38 -15.67 -20.24
N ILE B 370 12.36 -16.08 -19.49
CA ILE B 370 12.56 -16.36 -18.06
C ILE B 370 13.69 -17.42 -17.92
N LYS B 371 13.67 -18.43 -18.78
CA LYS B 371 14.73 -19.47 -18.76
C LYS B 371 16.13 -18.97 -19.14
N THR B 372 16.22 -18.15 -20.20
CA THR B 372 17.48 -17.74 -20.79
C THR B 372 18.04 -16.41 -20.26
N ASN B 373 17.16 -15.51 -19.90
CA ASN B 373 17.55 -14.18 -19.42
C ASN B 373 16.58 -13.68 -18.35
N PRO B 374 16.58 -14.34 -17.16
CA PRO B 374 15.63 -13.97 -16.12
C PRO B 374 15.73 -12.54 -15.59
N ASN B 375 16.86 -11.87 -15.75
CA ASN B 375 17.03 -10.50 -15.30
C ASN B 375 16.57 -9.45 -16.34
N ASP B 376 16.04 -9.93 -17.45
CA ASP B 376 15.36 -9.05 -18.42
C ASP B 376 14.22 -8.31 -17.71
N ARG B 377 13.97 -7.06 -18.11
CA ARG B 377 12.93 -6.24 -17.46
C ARG B 377 11.74 -5.97 -18.39
N ARG B 378 11.54 -6.88 -19.36
CA ARG B 378 10.46 -6.76 -20.33
C ARG B 378 9.63 -8.08 -20.36
N LEU B 379 9.49 -8.74 -19.24
CA LEU B 379 8.84 -10.07 -19.20
C LEU B 379 7.34 -9.90 -19.13
N ILE B 380 6.78 -9.39 -20.22
CA ILE B 380 5.43 -8.87 -20.27
C ILE B 380 4.59 -9.65 -21.28
N VAL B 381 3.35 -9.95 -20.87
CA VAL B 381 2.32 -10.43 -21.80
C VAL B 381 1.18 -9.39 -21.79
N CYS B 382 0.86 -8.84 -22.96
CA CYS B 382 -0.05 -7.69 -23.04
C CYS B 382 -1.24 -8.09 -23.89
N SER B 383 -2.44 -7.92 -23.32
CA SER B 383 -3.67 -8.25 -24.06
C SER B 383 -4.41 -7.06 -24.57
N TRP B 384 -3.91 -5.87 -24.23
CA TRP B 384 -4.48 -4.61 -24.70
C TRP B 384 -4.01 -4.25 -26.11
N ASN B 385 -4.44 -5.03 -27.06
CA ASN B 385 -4.08 -4.82 -28.43
C ASN B 385 -4.98 -3.78 -29.01
N VAL B 386 -4.51 -2.53 -29.05
CA VAL B 386 -5.37 -1.41 -29.41
C VAL B 386 -6.06 -1.61 -30.76
N SER B 387 -5.36 -2.27 -31.67
CA SER B 387 -5.85 -2.52 -33.01
C SER B 387 -7.02 -3.48 -33.08
N ASP B 388 -7.13 -4.35 -32.09
CA ASP B 388 -8.15 -5.41 -32.08
C ASP B 388 -9.33 -5.15 -31.14
N LEU B 389 -9.27 -4.09 -30.34
CA LEU B 389 -10.24 -3.89 -29.26
C LEU B 389 -11.68 -3.91 -29.79
N LYS B 390 -11.87 -3.23 -30.91
CA LYS B 390 -13.15 -3.09 -31.61
C LYS B 390 -13.76 -4.44 -32.05
N LYS B 391 -12.93 -5.48 -32.16
CA LYS B 391 -13.39 -6.81 -32.61
C LYS B 391 -13.72 -7.71 -31.44
N MET B 392 -13.40 -7.29 -30.21
CA MET B 392 -13.57 -8.19 -29.03
C MET B 392 -14.98 -8.04 -28.44
N ALA B 393 -15.58 -9.16 -27.99
CA ALA B 393 -16.90 -9.07 -27.38
C ALA B 393 -16.85 -8.19 -26.11
N LEU B 394 -15.70 -8.24 -25.47
CA LEU B 394 -15.40 -7.39 -24.34
C LEU B 394 -13.89 -7.22 -24.30
N PRO B 395 -13.39 -5.98 -24.13
CA PRO B 395 -11.95 -5.82 -23.99
C PRO B 395 -11.48 -6.42 -22.69
N PRO B 396 -10.20 -6.84 -22.65
CA PRO B 396 -9.79 -7.60 -21.48
C PRO B 396 -9.79 -6.79 -20.16
N CYS B 397 -10.29 -7.41 -19.11
CA CYS B 397 -10.30 -6.82 -17.75
C CYS B 397 -8.93 -6.87 -17.14
N HIS B 398 -8.29 -8.02 -17.25
CA HIS B 398 -6.90 -8.25 -16.88
C HIS B 398 -6.06 -8.08 -18.14
N CYS B 399 -5.58 -6.85 -18.30
CA CYS B 399 -4.93 -6.30 -19.49
C CYS B 399 -3.51 -6.69 -19.86
N PHE B 400 -2.70 -6.84 -18.85
CA PHE B 400 -1.30 -6.81 -18.98
C PHE B 400 -0.73 -7.54 -17.75
N PHE B 401 0.33 -8.30 -17.90
CA PHE B 401 1.00 -8.90 -16.75
C PHE B 401 2.47 -9.03 -17.00
N GLN B 402 3.23 -9.02 -15.90
CA GLN B 402 4.66 -8.90 -15.98
C GLN B 402 5.28 -9.82 -14.95
N PHE B 403 6.24 -10.61 -15.40
CA PHE B 403 7.00 -11.49 -14.49
C PHE B 403 8.30 -10.86 -14.00
N TYR B 404 8.83 -11.42 -12.91
CA TYR B 404 10.02 -10.97 -12.27
C TYR B 404 10.69 -12.12 -11.57
N VAL B 405 12.02 -12.18 -11.66
CA VAL B 405 12.76 -13.28 -11.02
C VAL B 405 13.77 -12.73 -10.05
N SER B 406 13.68 -13.14 -8.78
CA SER B 406 14.80 -12.94 -7.91
C SER B 406 14.92 -14.02 -6.83
N ASP B 407 16.16 -14.29 -6.43
CA ASP B 407 16.44 -15.38 -5.50
C ASP B 407 15.80 -16.69 -5.94
N ASN B 408 15.83 -16.99 -7.24
CA ASN B 408 15.29 -18.26 -7.77
C ASN B 408 13.79 -18.41 -7.52
N LYS B 409 13.10 -17.28 -7.43
CA LYS B 409 11.67 -17.26 -7.26
C LYS B 409 11.04 -16.35 -8.28
N LEU B 410 9.90 -16.82 -8.80
CA LEU B 410 9.11 -16.08 -9.79
C LEU B 410 7.98 -15.31 -9.14
N SER B 411 7.91 -14.00 -9.43
CA SER B 411 6.79 -13.21 -9.11
C SER B 411 6.06 -12.75 -10.37
N CYS B 412 4.88 -12.19 -10.19
CA CYS B 412 4.07 -11.72 -11.32
C CYS B 412 3.27 -10.56 -10.81
N MET B 413 3.15 -9.50 -11.63
CA MET B 413 2.25 -8.36 -11.38
C MET B 413 1.27 -8.23 -12.51
N MET B 414 0.01 -8.00 -12.19
CA MET B 414 -1.01 -7.92 -13.22
C MET B 414 -1.81 -6.66 -13.00
N HIS B 415 -2.13 -5.99 -14.12
CA HIS B 415 -2.91 -4.75 -14.14
C HIS B 415 -4.33 -5.10 -14.49
N GLN B 416 -5.28 -4.86 -13.59
CA GLN B 416 -6.68 -5.07 -13.91
C GLN B 416 -7.43 -3.75 -14.07
N ARG B 417 -7.83 -3.42 -15.30
CA ARG B 417 -8.42 -2.12 -15.58
C ARG B 417 -9.77 -1.92 -14.92
N SER B 418 -10.46 -3.02 -14.69
CA SER B 418 -11.84 -2.97 -14.27
C SER B 418 -12.11 -4.22 -13.46
N CYS B 419 -12.53 -4.02 -12.21
CA CYS B 419 -12.51 -5.04 -11.18
C CYS B 419 -13.85 -5.13 -10.49
N ASP B 420 -14.66 -6.10 -10.93
CA ASP B 420 -15.91 -6.44 -10.25
C ASP B 420 -15.55 -7.23 -8.99
N LEU B 421 -15.53 -6.52 -7.84
CA LEU B 421 -15.03 -7.10 -6.63
C LEU B 421 -15.87 -8.29 -6.17
N GLY B 422 -17.16 -8.29 -6.43
CA GLY B 422 -17.98 -9.40 -6.02
C GLY B 422 -17.85 -10.68 -6.83
N LEU B 423 -17.69 -10.55 -8.13
CA LEU B 423 -17.77 -11.70 -9.06
C LEU B 423 -16.42 -12.03 -9.68
N GLY B 424 -15.89 -11.14 -10.49
CA GLY B 424 -14.69 -11.42 -11.22
C GLY B 424 -13.43 -11.53 -10.43
N VAL B 425 -13.24 -10.61 -9.47
CA VAL B 425 -11.93 -10.45 -8.84
C VAL B 425 -11.46 -11.70 -8.11
N PRO B 426 -12.36 -12.37 -7.36
CA PRO B 426 -11.95 -13.64 -6.72
C PRO B 426 -11.42 -14.70 -7.71
N PHE B 427 -11.95 -14.73 -8.93
CA PHE B 427 -11.46 -15.62 -9.99
C PHE B 427 -10.07 -15.17 -10.46
N ASN B 428 -9.94 -13.84 -10.65
CA ASN B 428 -8.72 -13.23 -11.23
C ASN B 428 -7.54 -13.46 -10.32
N ILE B 429 -7.75 -13.37 -9.01
CA ILE B 429 -6.66 -13.62 -8.06
C ILE B 429 -6.13 -15.05 -8.13
N ALA B 430 -7.05 -15.99 -8.05
CA ALA B 430 -6.71 -17.41 -8.13
C ALA B 430 -6.10 -17.76 -9.49
N SER B 431 -6.66 -17.18 -10.56
CA SER B 431 -6.20 -17.49 -11.93
C SER B 431 -4.72 -17.14 -12.15
N TYR B 432 -4.33 -15.90 -11.82
CA TYR B 432 -2.93 -15.52 -12.00
C TYR B 432 -2.01 -16.25 -11.00
N SER B 433 -2.53 -16.62 -9.86
CA SER B 433 -1.77 -17.43 -8.94
C SER B 433 -1.40 -18.80 -9.50
N ILE B 434 -2.37 -19.44 -10.13
CA ILE B 434 -2.11 -20.67 -10.81
C ILE B 434 -1.14 -20.48 -11.95
N LEU B 435 -1.38 -19.49 -12.80
CA LEU B 435 -0.50 -19.21 -13.93
C LEU B 435 0.95 -19.01 -13.49
N THR B 436 1.17 -18.23 -12.43
CA THR B 436 2.52 -18.01 -11.91
C THR B 436 3.13 -19.29 -11.41
N ALA B 437 2.37 -20.12 -10.68
CA ALA B 437 2.88 -21.43 -10.25
C ALA B 437 3.25 -22.31 -11.47
N MET B 438 2.39 -22.30 -12.49
CA MET B 438 2.67 -23.08 -13.71
C MET B 438 3.97 -22.66 -14.42
N VAL B 439 4.15 -21.34 -14.59
CA VAL B 439 5.35 -20.80 -15.26
C VAL B 439 6.58 -21.08 -14.41
N ALA B 440 6.44 -20.95 -13.08
CA ALA B 440 7.59 -21.25 -12.21
C ALA B 440 8.02 -22.69 -12.36
N GLN B 441 7.05 -23.61 -12.34
CA GLN B 441 7.38 -25.01 -12.49
C GLN B 441 8.11 -25.30 -13.80
N VAL B 442 7.55 -24.84 -14.94
CA VAL B 442 8.22 -25.15 -16.22
C VAL B 442 9.57 -24.45 -16.40
N CYS B 443 9.80 -23.39 -15.64
CA CYS B 443 11.10 -22.72 -15.64
C CYS B 443 12.04 -23.18 -14.54
N GLY B 444 11.64 -24.14 -13.71
CA GLY B 444 12.53 -24.66 -12.65
C GLY B 444 12.73 -23.65 -11.52
N LEU B 445 11.76 -22.75 -11.30
CA LEU B 445 11.90 -21.73 -10.28
C LEU B 445 10.98 -22.01 -9.08
N GLY B 446 11.32 -21.41 -7.94
CA GLY B 446 10.40 -21.30 -6.82
C GLY B 446 9.35 -20.23 -7.00
N LEU B 447 8.51 -20.07 -5.97
CA LEU B 447 7.37 -19.16 -6.00
C LEU B 447 7.65 -17.93 -5.16
N GLY B 448 7.47 -16.76 -5.78
CA GLY B 448 7.53 -15.46 -5.10
C GLY B 448 6.11 -14.94 -4.81
N GLU B 449 5.79 -13.78 -5.34
CA GLU B 449 4.57 -13.10 -5.02
C GLU B 449 3.75 -12.83 -6.24
N PHE B 450 2.42 -12.82 -6.07
CA PHE B 450 1.51 -12.34 -7.10
C PHE B 450 1.08 -11.00 -6.61
N VAL B 451 1.30 -9.97 -7.46
CA VAL B 451 0.99 -8.59 -7.11
C VAL B 451 -0.13 -8.18 -8.06
N HIS B 452 -1.26 -7.80 -7.49
CA HIS B 452 -2.51 -7.52 -8.19
C HIS B 452 -2.83 -6.07 -8.10
N ASN B 453 -2.74 -5.32 -9.22
CA ASN B 453 -3.07 -3.95 -9.24
C ASN B 453 -4.52 -3.77 -9.75
N LEU B 454 -5.32 -3.09 -8.95
CA LEU B 454 -6.72 -2.75 -9.31
C LEU B 454 -6.83 -1.30 -9.70
N ALA B 455 -7.39 -1.03 -10.89
CA ALA B 455 -7.67 0.31 -11.32
C ALA B 455 -9.12 0.69 -10.88
N ASP B 456 -10.12 0.57 -11.76
CA ASP B 456 -11.51 0.89 -11.38
C ASP B 456 -12.06 -0.31 -10.58
N ALA B 457 -12.05 -0.21 -9.26
CA ALA B 457 -12.52 -1.32 -8.40
C ALA B 457 -13.92 -1.02 -7.93
N HIS B 458 -14.85 -1.97 -8.10
CA HIS B 458 -16.26 -1.58 -7.92
C HIS B 458 -17.13 -2.71 -7.40
N ILE B 459 -18.24 -2.31 -6.79
CA ILE B 459 -19.23 -3.24 -6.26
C ILE B 459 -20.58 -2.79 -6.82
N TYR B 460 -21.18 -3.66 -7.64
CA TYR B 460 -22.47 -3.39 -8.23
C TYR B 460 -23.53 -3.28 -7.13
N VAL B 461 -24.54 -2.45 -7.36
CA VAL B 461 -25.47 -2.18 -6.26
C VAL B 461 -26.20 -3.42 -5.80
N ASP B 462 -26.40 -4.39 -6.70
CA ASP B 462 -27.14 -5.61 -6.33
C ASP B 462 -26.30 -6.64 -5.58
N HIS B 463 -25.04 -6.33 -5.35
CA HIS B 463 -24.16 -7.18 -4.57
C HIS B 463 -23.89 -6.65 -3.15
N VAL B 464 -24.45 -5.50 -2.79
CA VAL B 464 -24.15 -4.88 -1.49
C VAL B 464 -24.52 -5.82 -0.32
N ASP B 465 -25.69 -6.43 -0.38
CA ASP B 465 -26.13 -7.36 0.67
C ASP B 465 -25.14 -8.53 0.81
N ALA B 466 -24.79 -9.16 -0.33
CA ALA B 466 -23.83 -10.26 -0.36
C ALA B 466 -22.47 -9.88 0.21
N VAL B 467 -21.92 -8.75 -0.20
CA VAL B 467 -20.59 -8.38 0.29
CA VAL B 467 -20.61 -8.25 0.26
C VAL B 467 -20.61 -7.94 1.76
N THR B 468 -21.73 -7.36 2.22
CA THR B 468 -21.94 -7.08 3.65
C THR B 468 -21.86 -8.38 4.48
N THR B 469 -22.50 -9.44 4.01
CA THR B 469 -22.43 -10.75 4.66
C THR B 469 -21.00 -11.26 4.64
N GLN B 470 -20.36 -11.18 3.47
CA GLN B 470 -19.05 -11.73 3.31
C GLN B 470 -18.00 -11.10 4.23
N ILE B 471 -17.99 -9.77 4.34
CA ILE B 471 -16.87 -9.09 5.09
C ILE B 471 -16.96 -9.32 6.62
N ALA B 472 -18.09 -9.80 7.11
CA ALA B 472 -18.21 -10.22 8.53
C ALA B 472 -17.68 -11.63 8.81
N ARG B 473 -17.45 -12.44 7.77
CA ARG B 473 -16.97 -13.82 7.96
C ARG B 473 -15.46 -13.88 8.24
N ILE B 474 -15.08 -14.67 9.23
CA ILE B 474 -13.68 -14.79 9.61
C ILE B 474 -13.01 -15.74 8.64
N PRO B 475 -11.94 -15.29 7.97
CA PRO B 475 -11.26 -16.17 7.03
C PRO B 475 -10.71 -17.43 7.69
N HIS B 476 -10.75 -18.54 6.96
CA HIS B 476 -10.03 -19.77 7.33
C HIS B 476 -8.67 -19.63 6.76
N PRO B 477 -7.74 -20.47 7.21
CA PRO B 477 -6.48 -20.48 6.51
C PRO B 477 -6.66 -20.77 5.02
N PHE B 478 -5.88 -20.14 4.15
CA PHE B 478 -5.94 -20.43 2.72
C PHE B 478 -5.50 -21.87 2.47
N PRO B 479 -5.90 -22.38 1.33
CA PRO B 479 -5.49 -23.70 0.86
C PRO B 479 -4.08 -23.67 0.27
N ARG B 480 -3.65 -24.81 -0.22
CA ARG B 480 -2.41 -24.91 -0.94
CA ARG B 480 -2.42 -24.95 -0.92
C ARG B 480 -2.55 -25.51 -2.32
N LEU B 481 -1.70 -25.11 -3.25
CA LEU B 481 -1.69 -25.61 -4.60
C LEU B 481 -0.59 -26.63 -4.79
N ARG B 482 -0.93 -27.74 -5.42
CA ARG B 482 0.04 -28.75 -5.84
C ARG B 482 -0.16 -29.04 -7.32
N LEU B 483 0.88 -28.82 -8.11
CA LEU B 483 0.83 -29.14 -9.52
C LEU B 483 1.53 -30.46 -9.70
N ASN B 484 1.08 -31.21 -10.70
CA ASN B 484 1.75 -32.44 -11.08
C ASN B 484 3.18 -32.09 -11.49
N PRO B 485 4.19 -32.65 -10.78
CA PRO B 485 5.60 -32.31 -11.03
C PRO B 485 6.18 -32.76 -12.36
N ASP B 486 5.52 -33.71 -13.03
CA ASP B 486 5.99 -34.23 -14.30
C ASP B 486 5.73 -33.31 -15.49
N ILE B 487 4.95 -32.24 -15.29
CA ILE B 487 4.53 -31.41 -16.38
C ILE B 487 5.66 -30.43 -16.69
N ARG B 488 6.14 -30.49 -17.92
CA ARG B 488 7.34 -29.75 -18.36
C ARG B 488 7.06 -28.55 -19.27
N ASN B 489 5.91 -28.53 -19.92
CA ASN B 489 5.52 -27.53 -20.92
C ASN B 489 4.16 -26.99 -20.52
N ILE B 490 3.97 -25.67 -20.56
CA ILE B 490 2.73 -25.08 -20.09
C ILE B 490 1.47 -25.58 -20.83
N GLU B 491 1.61 -25.96 -22.09
CA GLU B 491 0.42 -26.43 -22.83
C GLU B 491 -0.01 -27.84 -22.43
N ASP B 492 0.80 -28.54 -21.65
CA ASP B 492 0.49 -29.94 -21.26
C ASP B 492 -0.32 -30.05 -19.95
N PHE B 493 -0.46 -28.96 -19.21
CA PHE B 493 -1.30 -28.98 -18.01
C PHE B 493 -2.75 -29.29 -18.37
N THR B 494 -3.33 -30.24 -17.64
CA THR B 494 -4.75 -30.57 -17.74
C THR B 494 -5.38 -30.36 -16.37
N ILE B 495 -6.70 -30.37 -16.30
CA ILE B 495 -7.30 -30.01 -15.02
C ILE B 495 -6.90 -30.96 -13.87
N ASP B 496 -6.72 -32.25 -14.19
CA ASP B 496 -6.21 -33.23 -13.22
C ASP B 496 -4.78 -32.97 -12.68
N ASP B 497 -4.03 -32.06 -13.32
CA ASP B 497 -2.66 -31.76 -12.92
C ASP B 497 -2.58 -30.56 -11.96
N ILE B 498 -3.73 -29.93 -11.71
CA ILE B 498 -3.82 -28.73 -10.92
C ILE B 498 -4.72 -29.00 -9.70
N VAL B 499 -4.09 -29.23 -8.56
CA VAL B 499 -4.86 -29.66 -7.38
C VAL B 499 -4.73 -28.65 -6.23
N VAL B 500 -5.87 -28.24 -5.73
CA VAL B 500 -5.92 -27.44 -4.52
C VAL B 500 -6.33 -28.35 -3.34
N GLU B 501 -5.47 -28.35 -2.33
CA GLU B 501 -5.62 -29.17 -1.13
C GLU B 501 -5.99 -28.29 0.06
N ASP B 502 -6.74 -28.89 0.97
CA ASP B 502 -7.03 -28.31 2.26
C ASP B 502 -7.84 -27.04 2.16
N TYR B 503 -8.80 -27.01 1.22
CA TYR B 503 -9.66 -25.85 1.07
C TYR B 503 -10.85 -25.90 2.02
N VAL B 504 -10.82 -25.00 2.97
CA VAL B 504 -11.88 -24.82 3.93
C VAL B 504 -12.51 -23.46 3.67
N SER B 505 -13.83 -23.44 3.45
CA SER B 505 -14.46 -22.17 3.18
C SER B 505 -15.81 -22.07 3.83
N HIS B 506 -16.23 -20.81 3.97
CA HIS B 506 -17.61 -20.48 4.28
C HIS B 506 -18.50 -20.83 3.09
N PRO B 507 -19.83 -20.74 3.29
CA PRO B 507 -20.73 -21.15 2.22
C PRO B 507 -20.64 -20.28 0.96
N PRO B 508 -21.06 -20.83 -0.20
CA PRO B 508 -21.09 -19.97 -1.38
C PRO B 508 -22.10 -18.88 -1.18
N ILE B 509 -21.85 -17.73 -1.81
CA ILE B 509 -22.75 -16.59 -1.78
C ILE B 509 -23.21 -16.32 -3.21
N PRO B 510 -24.51 -16.42 -3.48
CA PRO B 510 -24.94 -16.11 -4.81
C PRO B 510 -24.74 -14.64 -5.20
N MET B 511 -24.19 -14.43 -6.38
CA MET B 511 -23.97 -13.09 -6.94
C MET B 511 -24.24 -13.08 -8.47
N ALA B 512 -25.25 -12.32 -8.87
CA ALA B 512 -25.71 -12.29 -10.24
C ALA B 512 -24.81 -11.35 -11.04
N MET B 513 -24.57 -11.70 -12.30
CA MET B 513 -23.80 -10.85 -13.21
C MET B 513 -24.65 -9.75 -13.86
N SER B 514 -24.11 -8.54 -13.84
CA SER B 514 -24.64 -7.46 -14.65
C SER B 514 -24.11 -7.56 -16.11
N ALA B 515 -24.76 -8.43 -16.90
CA ALA B 515 -24.39 -8.73 -18.32
C ALA B 515 -23.05 -9.44 -18.54
#